data_5DMG
#
_entry.id   5DMG
#
_cell.length_a   67.510
_cell.length_b   163.053
_cell.length_c   70.926
_cell.angle_alpha   90.00
_cell.angle_beta   110.27
_cell.angle_gamma   90.00
#
_symmetry.space_group_name_H-M   'P 1 21 1'
#
loop_
_entity.id
_entity.type
_entity.pdbx_description
1 polymer 'RB86 antibody Fab fragment heavy chain'
2 polymer 'RB86 antibody Fab fragment light chain'
3 polymer 'Microtubule-associated protein'
4 water water
#
loop_
_entity_poly.entity_id
_entity_poly.type
_entity_poly.pdbx_seq_one_letter_code
_entity_poly.pdbx_strand_id
1 'polypeptide(L)'
;QSVEESGGRLVTPGTPLTLTCTVSGFSLSSNAINWVRQAPGKGLEWIGYIAVSGNTYYASWAKGRFTISKASTTVDLKMT
SPTAEDTGTYFCGKSNIWGPGTLVTVSLASTKGPSVFPLAPSSKSTSGGTAALGCLVKDYFPEPVTVSWNSGALTSGVHT
FPAVLQSSGLYSLSSVVTVPSSSLGTQTYICNVNHKPSNTKVDKKVEPKSC
;
H,C,E
2 'polypeptide(L)'
;AQVLTQTTSPVSAAVGSTVTISCQSSQSVRTNKLAWFQQKPGQPPKRLIYSASTLDFGVPSRFSASGSGTQFTLTISDVQ
CDDAATYYCLGYFDCSIADCVAFGGGTEVVVKRTVAAPSVFIFPPSDEQLKSGTASVVCLLNNFYPREAKVQWKVDNALQ
SGNSQESVTEQDSKDSTYSLSSTLTLSKADYEKHKVYACEVTHQGLSSPVTKSFNRGEC
;
L,D,F
3 'polypeptide(L)' SIDMVD(SEP)PQLATLAD Z,P,X
#
# COMPACT_ATOMS: atom_id res chain seq x y z
N GLN A 1 13.88 -5.33 1.38
CA GLN A 1 14.61 -4.07 1.68
C GLN A 1 13.84 -3.18 2.63
N SER A 2 12.69 -2.67 2.18
CA SER A 2 11.96 -1.66 2.94
C SER A 2 10.45 -1.69 2.71
N VAL A 3 9.75 -0.91 3.54
CA VAL A 3 8.32 -0.68 3.44
C VAL A 3 8.02 0.76 3.83
N GLU A 4 6.81 1.23 3.51
CA GLU A 4 6.38 2.58 3.84
C GLU A 4 4.87 2.65 4.03
N GLU A 5 4.43 3.21 5.15
CA GLU A 5 3.02 3.38 5.44
C GLU A 5 2.55 4.75 4.96
N SER A 6 1.26 4.85 4.67
CA SER A 6 0.66 6.10 4.19
C SER A 6 -0.84 6.06 4.39
N GLY A 7 -1.46 7.23 4.39
CA GLY A 7 -2.90 7.33 4.51
C GLY A 7 -3.37 7.86 5.84
N GLY A 8 -2.44 7.97 6.80
CA GLY A 8 -2.77 8.55 8.10
C GLY A 8 -3.13 10.02 7.95
N ARG A 9 -4.13 10.44 8.72
CA ARG A 9 -4.66 11.79 8.65
C ARG A 9 -5.74 11.98 9.70
N LEU A 10 -6.25 13.21 9.82
CA LEU A 10 -7.34 13.49 10.72
C LEU A 10 -8.67 13.04 10.13
N VAL A 11 -9.44 12.32 10.93
CA VAL A 11 -10.81 11.93 10.59
C VAL A 11 -11.72 11.98 11.83
N THR A 12 -13.01 12.10 11.59
CA THR A 12 -13.99 12.13 12.66
C THR A 12 -14.25 10.73 13.16
N PRO A 13 -14.68 10.59 14.44
CA PRO A 13 -15.04 9.26 14.94
C PRO A 13 -16.02 8.52 14.01
N GLY A 14 -15.76 7.25 13.77
CA GLY A 14 -16.65 6.42 12.95
C GLY A 14 -16.30 6.37 11.47
N THR A 15 -15.49 7.33 11.01
CA THR A 15 -15.09 7.39 9.60
C THR A 15 -14.17 6.22 9.25
N PRO A 16 -14.68 5.22 8.50
CA PRO A 16 -13.85 4.05 8.18
C PRO A 16 -12.61 4.41 7.38
N LEU A 17 -11.47 4.44 8.05
CA LEU A 17 -10.21 4.83 7.43
C LEU A 17 -9.38 3.61 7.08
N THR A 18 -8.72 3.66 5.92
CA THR A 18 -7.80 2.60 5.51
C THR A 18 -6.38 3.14 5.41
N LEU A 19 -5.43 2.39 5.96
CA LEU A 19 -4.00 2.71 5.85
C LEU A 19 -3.36 1.73 4.88
N THR A 20 -2.24 2.13 4.28
CA THR A 20 -1.59 1.32 3.27
C THR A 20 -0.11 1.12 3.58
N CYS A 21 0.32 -0.13 3.52
CA CYS A 21 1.73 -0.49 3.59
C CYS A 21 2.18 -0.88 2.18
N THR A 22 3.21 -0.20 1.67
CA THR A 22 3.72 -0.47 0.33
C THR A 22 5.08 -1.16 0.42
N VAL A 23 5.10 -2.42 0.03
CA VAL A 23 6.32 -3.21 -0.03
C VAL A 23 7.24 -2.70 -1.14
N SER A 24 8.54 -2.75 -0.89
CA SER A 24 9.54 -2.45 -1.89
C SER A 24 10.84 -3.23 -1.64
N GLY A 25 11.28 -3.97 -2.64
CA GLY A 25 12.53 -4.71 -2.55
C GLY A 25 12.37 -6.14 -2.10
N PHE A 26 11.13 -6.57 -1.85
CA PHE A 26 10.85 -7.98 -1.53
C PHE A 26 9.42 -8.33 -1.90
N SER A 27 9.01 -9.57 -1.64
CA SER A 27 7.74 -10.09 -2.16
C SER A 27 6.74 -10.51 -1.08
N LEU A 28 5.48 -10.14 -1.26
CA LEU A 28 4.40 -10.54 -0.37
C LEU A 28 4.04 -12.01 -0.50
N SER A 29 4.50 -12.64 -1.58
CA SER A 29 4.25 -14.05 -1.82
C SER A 29 5.08 -14.96 -0.89
N SER A 30 6.25 -14.46 -0.47
CA SER A 30 7.13 -15.20 0.44
C SER A 30 7.24 -14.55 1.83
N ASN A 31 6.63 -13.39 2.02
CA ASN A 31 6.77 -12.65 3.28
C ASN A 31 5.43 -12.26 3.90
N ALA A 32 5.39 -12.23 5.24
CA ALA A 32 4.22 -11.80 5.99
C ALA A 32 4.39 -10.33 6.38
N ILE A 33 3.27 -9.65 6.68
CA ILE A 33 3.29 -8.24 7.10
C ILE A 33 2.44 -7.99 8.34
N ASN A 34 3.00 -7.24 9.29
CA ASN A 34 2.33 -6.95 10.56
C ASN A 34 1.95 -5.49 10.68
N TRP A 35 0.84 -5.22 11.36
CA TRP A 35 0.47 -3.86 11.74
C TRP A 35 0.70 -3.68 13.24
N VAL A 36 1.41 -2.61 13.57
CA VAL A 36 1.72 -2.26 14.96
C VAL A 36 1.33 -0.79 15.13
N ARG A 37 0.97 -0.41 16.35
CA ARG A 37 0.63 0.98 16.61
C ARG A 37 1.09 1.44 17.98
N GLN A 38 0.98 2.75 18.18
CA GLN A 38 1.52 3.39 19.37
C GLN A 38 0.76 4.68 19.68
N ALA A 39 0.01 4.72 20.78
CA ALA A 39 -0.58 5.99 21.21
C ALA A 39 0.54 6.90 21.65
N PRO A 40 0.39 8.23 21.48
CA PRO A 40 1.51 9.12 21.81
C PRO A 40 1.93 9.01 23.28
N GLY A 41 3.22 8.76 23.51
CA GLY A 41 3.75 8.59 24.86
C GLY A 41 3.66 7.18 25.40
N LYS A 42 2.72 6.37 24.89
CA LYS A 42 2.51 5.00 25.36
C LYS A 42 3.40 4.01 24.58
N GLY A 43 3.25 2.72 24.86
CA GLY A 43 4.10 1.69 24.27
C GLY A 43 3.55 1.08 23.00
N LEU A 44 4.30 0.16 22.42
CA LEU A 44 3.93 -0.51 21.18
C LEU A 44 2.81 -1.53 21.40
N GLU A 45 1.92 -1.66 20.43
CA GLU A 45 0.80 -2.60 20.51
C GLU A 45 0.65 -3.34 19.19
N TRP A 46 0.66 -4.67 19.26
CA TRP A 46 0.47 -5.49 18.08
C TRP A 46 -1.02 -5.56 17.75
N ILE A 47 -1.35 -5.29 16.49
CA ILE A 47 -2.73 -5.29 16.02
C ILE A 47 -3.07 -6.61 15.35
N GLY A 48 -2.21 -7.04 14.42
CA GLY A 48 -2.44 -8.27 13.67
C GLY A 48 -1.46 -8.44 12.53
N TYR A 49 -1.55 -9.56 11.83
CA TYR A 49 -0.73 -9.79 10.63
C TYR A 49 -1.50 -10.54 9.57
N ILE A 50 -0.89 -10.61 8.38
CA ILE A 50 -1.42 -11.43 7.31
C ILE A 50 -0.29 -12.33 6.81
N ALA A 51 -0.52 -13.63 6.88
CA ALA A 51 0.47 -14.61 6.45
C ALA A 51 0.65 -14.55 4.95
N VAL A 52 1.66 -15.26 4.45
CA VAL A 52 1.85 -15.42 3.01
C VAL A 52 0.61 -16.07 2.36
N SER A 53 -0.01 -17.02 3.06
CA SER A 53 -1.22 -17.68 2.58
C SER A 53 -2.37 -16.69 2.33
N GLY A 54 -2.43 -15.63 3.14
CA GLY A 54 -3.51 -14.65 3.06
C GLY A 54 -4.32 -14.67 4.34
N ASN A 55 -4.15 -15.73 5.14
CA ASN A 55 -4.76 -15.82 6.46
C ASN A 55 -4.39 -14.65 7.36
N THR A 56 -5.41 -14.02 7.93
CA THR A 56 -5.23 -12.91 8.84
C THR A 56 -5.31 -13.41 10.27
N TYR A 57 -4.55 -12.76 11.16
CA TYR A 57 -4.65 -12.99 12.60
C TYR A 57 -4.67 -11.65 13.32
N TYR A 58 -5.44 -11.56 14.41
CA TYR A 58 -5.64 -10.30 15.13
C TYR A 58 -5.52 -10.49 16.64
N ALA A 59 -5.09 -9.44 17.33
CA ALA A 59 -5.17 -9.42 18.78
C ALA A 59 -6.65 -9.41 19.19
N SER A 60 -6.96 -10.04 20.32
CA SER A 60 -8.33 -10.12 20.84
C SER A 60 -9.00 -8.75 20.87
N TRP A 61 -8.30 -7.76 21.42
CA TRP A 61 -8.83 -6.40 21.53
C TRP A 61 -9.04 -5.72 20.17
N ALA A 62 -8.36 -6.20 19.14
CA ALA A 62 -8.43 -5.61 17.80
C ALA A 62 -9.54 -6.20 16.94
N LYS A 63 -10.02 -7.39 17.30
CA LYS A 63 -11.04 -8.07 16.50
C LYS A 63 -12.30 -7.21 16.37
N GLY A 64 -12.75 -7.03 15.13
CA GLY A 64 -13.94 -6.23 14.84
C GLY A 64 -13.60 -4.78 14.51
N ARG A 65 -12.65 -4.23 15.23
CA ARG A 65 -12.22 -2.85 15.05
C ARG A 65 -11.25 -2.70 13.87
N PHE A 66 -10.62 -3.80 13.45
CA PHE A 66 -9.56 -3.77 12.43
C PHE A 66 -9.62 -4.93 11.43
N THR A 67 -9.24 -4.63 10.19
CA THR A 67 -9.30 -5.58 9.07
C THR A 67 -8.07 -5.42 8.18
N ILE A 68 -7.30 -6.51 8.01
CA ILE A 68 -6.10 -6.48 7.16
C ILE A 68 -6.38 -7.25 5.87
N SER A 69 -5.83 -6.76 4.76
CA SER A 69 -5.95 -7.42 3.46
C SER A 69 -4.69 -7.15 2.66
N LYS A 70 -4.45 -7.90 1.58
CA LYS A 70 -3.28 -7.68 0.72
C LYS A 70 -3.56 -7.84 -0.77
N ALA A 71 -3.03 -6.87 -1.52
CA ALA A 71 -2.90 -6.88 -2.97
C ALA A 71 -1.52 -7.38 -3.34
N SER A 72 -1.13 -7.19 -4.59
CA SER A 72 0.19 -7.63 -5.03
C SER A 72 1.36 -6.91 -4.37
N THR A 73 1.29 -5.59 -4.25
CA THR A 73 2.39 -4.82 -3.69
C THR A 73 2.06 -4.10 -2.40
N THR A 74 0.83 -4.23 -1.95
CA THR A 74 0.39 -3.45 -0.81
C THR A 74 -0.38 -4.27 0.18
N VAL A 75 -0.40 -3.79 1.41
CA VAL A 75 -1.23 -4.39 2.45
C VAL A 75 -2.05 -3.27 3.07
N ASP A 76 -3.36 -3.51 3.24
CA ASP A 76 -4.26 -2.52 3.79
C ASP A 76 -4.59 -2.83 5.25
N LEU A 77 -4.85 -1.79 6.03
CA LEU A 77 -5.44 -1.94 7.35
C LEU A 77 -6.68 -1.07 7.40
N LYS A 78 -7.85 -1.69 7.30
CA LYS A 78 -9.10 -0.96 7.40
C LYS A 78 -9.48 -0.84 8.88
N MET A 79 -9.69 0.40 9.32
CA MET A 79 -10.21 0.67 10.65
C MET A 79 -11.71 0.74 10.45
N THR A 80 -12.45 -0.10 11.16
CA THR A 80 -13.87 -0.23 10.91
C THR A 80 -14.67 0.97 11.44
N SER A 81 -14.53 1.26 12.74
CA SER A 81 -15.28 2.35 13.36
C SER A 81 -14.43 3.11 14.39
N PRO A 82 -13.52 3.95 13.90
CA PRO A 82 -12.54 4.60 14.79
C PRO A 82 -13.14 5.47 15.90
N THR A 83 -12.49 5.47 17.06
CA THR A 83 -12.81 6.40 18.15
C THR A 83 -11.53 7.16 18.52
N ALA A 84 -11.63 8.09 19.45
CA ALA A 84 -10.47 8.90 19.89
C ALA A 84 -9.30 8.05 20.41
N GLU A 85 -9.61 6.88 20.97
CA GLU A 85 -8.59 5.92 21.44
C GLU A 85 -7.62 5.48 20.33
N ASP A 86 -8.07 5.57 19.08
CA ASP A 86 -7.29 5.09 17.93
C ASP A 86 -6.23 6.08 17.42
N THR A 87 -6.17 7.26 18.02
CA THR A 87 -5.11 8.22 17.71
C THR A 87 -3.75 7.62 18.04
N GLY A 88 -2.79 7.81 17.12
CA GLY A 88 -1.44 7.29 17.30
C GLY A 88 -0.71 7.10 15.98
N THR A 89 0.55 6.68 16.09
CA THR A 89 1.33 6.31 14.93
C THR A 89 1.13 4.83 14.66
N TYR A 90 0.98 4.47 13.38
CA TYR A 90 0.77 3.10 12.95
C TYR A 90 1.94 2.67 12.10
N PHE A 91 2.52 1.51 12.42
CA PHE A 91 3.67 0.98 11.69
C PHE A 91 3.33 -0.34 11.04
N CYS A 92 3.77 -0.52 9.80
CA CYS A 92 3.66 -1.79 9.12
C CYS A 92 5.05 -2.39 9.08
N GLY A 93 5.12 -3.71 8.92
CA GLY A 93 6.40 -4.37 8.69
C GLY A 93 6.52 -5.76 9.26
N LYS A 94 7.75 -6.27 9.25
CA LYS A 94 8.06 -7.53 9.90
C LYS A 94 9.52 -7.54 10.26
N SER A 95 9.88 -8.23 11.34
CA SER A 95 11.28 -8.52 11.60
C SER A 95 12.11 -7.24 11.59
N ASN A 96 13.11 -7.24 10.72
CA ASN A 96 14.00 -6.12 10.47
C ASN A 96 13.30 -4.88 9.97
N ILE A 97 12.26 -5.07 9.16
CA ILE A 97 11.75 -4.03 8.26
C ILE A 97 10.54 -3.33 8.83
N TRP A 98 10.68 -2.03 9.08
CA TRP A 98 9.59 -1.21 9.62
C TRP A 98 9.64 0.18 8.99
N GLY A 99 8.49 0.72 8.64
CA GLY A 99 8.42 2.00 7.96
C GLY A 99 8.45 3.13 8.95
N PRO A 100 8.54 4.38 8.45
CA PRO A 100 8.60 5.54 9.35
C PRO A 100 7.33 5.74 10.18
N GLY A 101 6.25 5.08 9.76
CA GLY A 101 4.96 5.15 10.43
C GLY A 101 4.13 6.26 9.82
N THR A 102 2.81 6.09 9.84
CA THR A 102 1.89 7.14 9.46
C THR A 102 1.05 7.50 10.67
N LEU A 103 0.76 8.79 10.83
CA LEU A 103 0.06 9.27 12.02
C LEU A 103 -1.44 9.46 11.78
N VAL A 104 -2.24 8.74 12.55
CA VAL A 104 -3.69 8.83 12.49
C VAL A 104 -4.19 9.64 13.69
N THR A 105 -5.05 10.63 13.40
CA THR A 105 -5.73 11.43 14.43
C THR A 105 -7.25 11.24 14.33
N VAL A 106 -7.86 10.83 15.44
CA VAL A 106 -9.31 10.68 15.50
C VAL A 106 -9.90 11.68 16.52
N SER A 107 -10.68 12.62 16.01
CA SER A 107 -11.21 13.71 16.83
C SER A 107 -12.30 14.47 16.10
N LEU A 108 -13.03 15.27 16.84
CA LEU A 108 -14.06 16.12 16.29
C LEU A 108 -13.51 17.50 15.93
N ALA A 109 -12.35 17.85 16.48
CA ALA A 109 -11.78 19.18 16.27
C ALA A 109 -11.41 19.44 14.80
N SER A 110 -11.53 20.70 14.39
CA SER A 110 -11.18 21.11 13.04
C SER A 110 -9.68 21.34 12.90
N THR A 111 -9.18 21.05 11.71
CA THR A 111 -7.82 21.40 11.37
C THR A 111 -7.64 22.87 11.62
N LYS A 112 -6.50 23.24 12.19
CA LYS A 112 -6.25 24.60 12.58
C LYS A 112 -4.77 24.92 12.42
N GLY A 113 -4.47 25.92 11.61
CA GLY A 113 -3.10 26.38 11.47
C GLY A 113 -2.69 27.09 12.75
N PRO A 114 -1.39 27.05 13.07
CA PRO A 114 -0.92 27.71 14.29
C PRO A 114 -0.71 29.20 14.13
N SER A 115 -0.66 29.91 15.26
CA SER A 115 -0.04 31.22 15.30
C SER A 115 1.41 30.99 15.70
N VAL A 116 2.30 31.88 15.28
CA VAL A 116 3.71 31.81 15.63
C VAL A 116 4.19 33.09 16.28
N PHE A 117 4.41 33.03 17.59
CA PHE A 117 4.81 34.18 18.38
C PHE A 117 6.30 34.11 18.72
N PRO A 118 6.98 35.27 18.72
CA PRO A 118 8.40 35.29 19.04
C PRO A 118 8.64 35.18 20.54
N LEU A 119 9.71 34.48 20.92
CA LEU A 119 10.25 34.50 22.27
C LEU A 119 11.56 35.28 22.24
N ALA A 120 11.50 36.57 22.57
CA ALA A 120 12.62 37.51 22.33
C ALA A 120 13.73 37.42 23.39
N PRO A 121 15.01 37.57 22.97
CA PRO A 121 16.21 37.35 23.78
C PRO A 121 16.48 38.37 24.89
N THR A 130 26.01 34.31 26.76
CA THR A 130 25.11 33.46 25.98
C THR A 130 23.64 33.81 26.23
N ALA A 131 22.81 33.65 25.19
CA ALA A 131 21.43 34.13 25.18
C ALA A 131 20.44 33.09 24.66
N ALA A 132 19.17 33.26 25.01
CA ALA A 132 18.11 32.37 24.55
C ALA A 132 17.05 33.15 23.78
N LEU A 133 16.58 32.56 22.69
CA LEU A 133 15.47 33.10 21.90
C LEU A 133 14.68 31.94 21.31
N GLY A 134 13.47 32.20 20.85
CA GLY A 134 12.64 31.12 20.33
C GLY A 134 11.34 31.53 19.64
N CYS A 135 10.52 30.53 19.36
CA CYS A 135 9.23 30.69 18.71
C CYS A 135 8.20 29.85 19.43
N LEU A 136 7.06 30.45 19.72
CA LEU A 136 5.93 29.73 20.28
C LEU A 136 4.94 29.40 19.17
N VAL A 137 4.85 28.12 18.85
CA VAL A 137 3.91 27.65 17.84
C VAL A 137 2.67 27.20 18.60
N LYS A 138 1.61 27.98 18.51
CA LYS A 138 0.47 27.84 19.40
C LYS A 138 -0.86 27.64 18.68
N ASP A 139 -1.71 26.79 19.27
CA ASP A 139 -3.09 26.61 18.85
C ASP A 139 -3.22 26.07 17.43
N TYR A 140 -2.70 24.86 17.23
CA TYR A 140 -2.87 24.17 15.98
C TYR A 140 -3.45 22.78 16.20
N PHE A 141 -4.01 22.23 15.14
CA PHE A 141 -4.55 20.90 15.15
C PHE A 141 -4.62 20.42 13.70
N PRO A 142 -4.27 19.16 13.45
CA PRO A 142 -3.69 18.18 14.35
C PRO A 142 -2.17 18.21 14.24
N GLU A 143 -1.48 17.21 14.80
CA GLU A 143 -0.04 17.04 14.61
C GLU A 143 0.28 16.62 13.16
N PRO A 144 1.52 16.84 12.72
CA PRO A 144 2.64 17.48 13.41
C PRO A 144 2.97 18.84 12.82
N VAL A 145 3.86 19.56 13.49
CA VAL A 145 4.52 20.72 12.89
C VAL A 145 6.02 20.45 12.79
N THR A 146 6.69 21.09 11.83
CA THR A 146 8.15 21.06 11.78
C THR A 146 8.69 22.45 12.06
N VAL A 147 9.89 22.51 12.62
CA VAL A 147 10.56 23.76 12.89
C VAL A 147 12.02 23.62 12.58
N SER A 148 12.59 24.64 11.94
CA SER A 148 14.02 24.76 11.82
C SER A 148 14.35 26.24 11.99
N TRP A 149 15.64 26.57 11.85
CA TRP A 149 16.10 27.93 12.07
C TRP A 149 17.02 28.36 10.95
N ASN A 150 16.81 29.56 10.43
CA ASN A 150 17.58 30.07 9.32
C ASN A 150 17.68 29.06 8.19
N SER A 151 16.56 28.36 7.93
CA SER A 151 16.45 27.34 6.88
C SER A 151 17.46 26.19 6.97
N GLY A 152 17.79 25.79 8.20
CA GLY A 152 18.73 24.69 8.43
C GLY A 152 20.17 25.14 8.62
N ALA A 153 20.44 26.43 8.44
CA ALA A 153 21.79 26.97 8.68
C ALA A 153 22.14 27.00 10.16
N LEU A 154 21.12 27.02 11.02
CA LEU A 154 21.30 27.01 12.48
C LEU A 154 20.73 25.73 13.06
N THR A 155 21.62 24.89 13.56
CA THR A 155 21.25 23.60 14.08
C THR A 155 21.76 23.41 15.53
N SER A 156 22.83 24.12 15.84
CA SER A 156 23.56 23.95 17.10
C SER A 156 22.94 24.74 18.25
N GLY A 157 22.66 24.04 19.34
CA GLY A 157 22.05 24.65 20.52
C GLY A 157 20.55 24.81 20.38
N VAL A 158 19.97 24.20 19.35
CA VAL A 158 18.54 24.27 19.09
C VAL A 158 17.84 23.19 19.90
N HIS A 159 16.76 23.55 20.57
CA HIS A 159 15.89 22.59 21.23
C HIS A 159 14.47 22.84 20.76
N THR A 160 13.88 21.85 20.10
CA THR A 160 12.48 21.94 19.70
C THR A 160 11.72 20.91 20.50
N PHE A 161 10.80 21.40 21.32
CA PHE A 161 10.21 20.59 22.35
C PHE A 161 9.06 19.78 21.79
N PRO A 162 8.78 18.60 22.39
CA PRO A 162 7.56 17.88 22.02
C PRO A 162 6.33 18.76 22.24
N ALA A 163 5.30 18.54 21.44
CA ALA A 163 4.06 19.29 21.56
C ALA A 163 3.29 18.80 22.78
N VAL A 164 2.50 19.70 23.36
CA VAL A 164 1.55 19.37 24.42
C VAL A 164 0.14 19.60 23.91
N LEU A 165 -0.82 18.89 24.48
CA LEU A 165 -2.23 19.09 24.14
C LEU A 165 -2.85 19.96 25.24
N GLN A 166 -3.31 21.14 24.85
CA GLN A 166 -3.78 22.14 25.82
C GLN A 166 -5.20 21.89 26.29
N SER A 167 -5.58 22.62 27.33
CA SER A 167 -6.95 22.63 27.84
C SER A 167 -7.94 22.71 26.67
N SER A 168 -7.69 23.62 25.74
CA SER A 168 -8.60 23.89 24.62
C SER A 168 -8.74 22.76 23.59
N GLY A 169 -7.91 21.72 23.70
CA GLY A 169 -7.94 20.63 22.72
C GLY A 169 -7.02 20.87 21.53
N LEU A 170 -6.33 22.00 21.53
CA LEU A 170 -5.39 22.34 20.49
C LEU A 170 -3.96 22.11 20.99
N TYR A 171 -3.04 21.90 20.06
CA TYR A 171 -1.65 21.66 20.40
C TYR A 171 -0.87 22.96 20.48
N SER A 172 0.15 22.96 21.35
CA SER A 172 1.15 24.00 21.34
C SER A 172 2.56 23.40 21.46
N LEU A 173 3.55 24.10 20.91
CA LEU A 173 4.95 23.75 21.15
C LEU A 173 5.85 24.97 21.03
N SER A 174 7.05 24.84 21.57
CA SER A 174 8.05 25.90 21.53
C SER A 174 9.35 25.35 20.99
N SER A 175 10.00 26.13 20.14
CA SER A 175 11.33 25.83 19.71
C SER A 175 12.21 26.95 20.19
N VAL A 176 13.41 26.58 20.62
CA VAL A 176 14.28 27.49 21.34
C VAL A 176 15.72 27.25 20.91
N VAL A 177 16.49 28.33 20.79
CA VAL A 177 17.91 28.20 20.53
C VAL A 177 18.73 29.07 21.50
N THR A 178 19.92 28.60 21.83
CA THR A 178 20.86 29.35 22.66
C THR A 178 21.98 29.88 21.76
N VAL A 179 22.22 31.19 21.79
CA VAL A 179 23.22 31.81 20.92
C VAL A 179 24.04 32.86 21.66
N PRO A 180 25.25 33.18 21.16
CA PRO A 180 26.07 34.18 21.83
C PRO A 180 25.39 35.55 21.89
N SER A 181 25.41 36.17 23.06
CA SER A 181 24.82 37.50 23.22
C SER A 181 25.50 38.58 22.36
N SER A 182 26.71 38.29 21.88
CA SER A 182 27.42 39.18 20.96
C SER A 182 26.68 39.32 19.63
N SER A 183 26.17 38.19 19.14
CA SER A 183 25.55 38.11 17.81
C SER A 183 24.22 38.85 17.66
N LEU A 184 23.56 39.20 18.78
CA LEU A 184 22.34 39.99 18.72
C LEU A 184 22.68 41.46 19.03
N GLY A 185 22.48 42.38 18.06
CA GLY A 185 21.86 42.11 16.76
C GLY A 185 22.74 42.39 15.55
N THR A 186 23.75 41.56 15.35
CA THR A 186 24.42 41.44 14.06
C THR A 186 23.69 40.37 13.24
N GLN A 187 23.32 39.27 13.92
CA GLN A 187 22.85 38.06 13.26
C GLN A 187 21.33 37.96 13.23
N THR A 188 20.82 37.63 12.05
CA THR A 188 19.39 37.44 11.85
C THR A 188 19.01 36.06 12.36
N TYR A 189 17.89 35.99 13.07
CA TYR A 189 17.36 34.73 13.59
C TYR A 189 15.91 34.55 13.18
N ILE A 190 15.66 33.60 12.28
CA ILE A 190 14.34 33.32 11.75
C ILE A 190 13.96 31.86 12.01
N CYS A 191 12.73 31.63 12.43
CA CYS A 191 12.25 30.26 12.65
C CYS A 191 11.29 29.85 11.54
N ASN A 192 11.48 28.64 11.04
CA ASN A 192 10.73 28.12 9.90
C ASN A 192 9.69 27.12 10.34
N VAL A 193 8.44 27.55 10.40
CA VAL A 193 7.35 26.72 10.89
C VAL A 193 6.52 26.23 9.73
N ASN A 194 6.31 24.92 9.68
CA ASN A 194 5.46 24.31 8.68
C ASN A 194 4.50 23.33 9.33
N HIS A 195 3.21 23.56 9.07
CA HIS A 195 2.14 22.70 9.53
C HIS A 195 1.39 22.22 8.29
N LYS A 196 1.84 21.10 7.73
CA LYS A 196 1.33 20.59 6.46
C LYS A 196 -0.17 20.33 6.45
N PRO A 197 -0.73 19.82 7.57
CA PRO A 197 -2.18 19.56 7.60
C PRO A 197 -3.06 20.74 7.23
N SER A 198 -2.59 21.98 7.42
CA SER A 198 -3.34 23.17 6.99
C SER A 198 -2.57 23.98 5.93
N ASN A 199 -1.51 23.40 5.39
CA ASN A 199 -0.64 24.04 4.39
C ASN A 199 -0.12 25.41 4.81
N THR A 200 0.02 25.61 6.11
CA THR A 200 0.44 26.89 6.66
C THR A 200 1.94 26.87 6.90
N LYS A 201 2.66 27.67 6.12
CA LYS A 201 4.08 27.92 6.33
C LYS A 201 4.30 29.35 6.82
N VAL A 202 5.23 29.52 7.75
CA VAL A 202 5.51 30.83 8.34
C VAL A 202 7.00 30.97 8.69
N ASP A 203 7.62 32.05 8.22
CA ASP A 203 9.00 32.41 8.60
C ASP A 203 8.95 33.64 9.51
N LYS A 204 9.14 33.43 10.81
CA LYS A 204 9.04 34.48 11.82
C LYS A 204 10.43 34.98 12.24
N LYS A 205 10.66 36.28 12.11
CA LYS A 205 11.90 36.90 12.57
C LYS A 205 11.81 37.13 14.08
N VAL A 206 12.91 36.88 14.79
CA VAL A 206 12.95 37.01 16.24
C VAL A 206 14.08 37.96 16.60
N GLU A 207 13.77 38.99 17.38
CA GLU A 207 14.76 40.02 17.73
C GLU A 207 14.49 40.65 19.11
N PRO A 208 15.51 41.32 19.68
CA PRO A 208 15.31 42.01 20.97
C PRO A 208 14.24 43.09 20.87
N LYS A 209 13.48 43.30 21.95
CA LYS A 209 12.38 44.27 21.95
C LYS A 209 12.80 45.68 22.38
N SER A 210 13.23 45.80 23.63
CA SER A 210 13.60 47.07 24.24
C SER A 210 14.03 46.86 25.70
N VAL B 3 -0.15 -11.16 28.62
CA VAL B 3 0.62 -10.08 29.30
C VAL B 3 2.10 -10.48 29.43
N LEU B 4 2.98 -9.63 28.89
CA LEU B 4 4.40 -9.71 29.12
C LEU B 4 4.77 -8.51 29.98
N THR B 5 5.44 -8.76 31.10
CA THR B 5 5.75 -7.73 32.10
C THR B 5 7.26 -7.50 32.10
N GLN B 6 7.66 -6.24 32.08
CA GLN B 6 9.07 -5.90 31.96
C GLN B 6 9.52 -5.07 33.13
N THR B 7 10.82 -5.10 33.39
CA THR B 7 11.46 -4.21 34.35
C THR B 7 10.87 -2.79 34.29
N THR B 8 10.60 -2.24 35.46
CA THR B 8 9.94 -0.94 35.61
C THR B 8 10.88 0.17 35.20
N SER B 9 10.38 1.11 34.39
CA SER B 9 11.19 2.23 33.91
C SER B 9 11.29 3.26 35.01
N PRO B 10 12.38 4.05 35.02
CA PRO B 10 13.52 3.95 34.13
C PRO B 10 14.58 3.05 34.73
N VAL B 11 15.51 2.58 33.91
CA VAL B 11 16.73 1.98 34.40
C VAL B 11 17.84 2.92 33.96
N SER B 12 18.57 3.48 34.91
CA SER B 12 19.66 4.37 34.58
C SER B 12 20.98 3.69 34.83
N ALA B 13 21.95 3.94 33.96
CA ALA B 13 23.30 3.37 34.10
C ALA B 13 24.30 4.31 33.46
N ALA B 14 25.54 4.25 33.92
CA ALA B 14 26.58 5.14 33.44
C ALA B 14 27.25 4.55 32.21
N VAL B 15 27.89 5.42 31.43
CA VAL B 15 28.66 4.98 30.29
C VAL B 15 29.67 3.93 30.77
N GLY B 16 29.80 2.85 30.00
CA GLY B 16 30.67 1.74 30.38
C GLY B 16 30.04 0.69 31.29
N SER B 17 28.96 1.05 31.97
CA SER B 17 28.30 0.13 32.90
C SER B 17 27.50 -0.92 32.14
N THR B 18 26.82 -1.78 32.89
CA THR B 18 25.98 -2.82 32.31
C THR B 18 24.53 -2.62 32.76
N VAL B 19 23.58 -2.90 31.88
CA VAL B 19 22.19 -2.97 32.29
C VAL B 19 21.56 -4.26 31.86
N THR B 20 20.60 -4.71 32.66
CA THR B 20 19.90 -5.94 32.37
C THR B 20 18.41 -5.66 32.48
N ILE B 21 17.65 -6.10 31.49
CA ILE B 21 16.20 -5.86 31.41
C ILE B 21 15.53 -7.21 31.37
N SER B 22 14.57 -7.42 32.27
CA SER B 22 13.81 -8.69 32.35
C SER B 22 12.50 -8.63 31.59
N CYS B 23 12.06 -9.77 31.09
CA CYS B 23 10.78 -9.90 30.40
C CYS B 23 10.13 -11.18 30.90
N GLN B 24 9.09 -11.05 31.73
CA GLN B 24 8.40 -12.20 32.31
C GLN B 24 7.00 -12.41 31.74
N SER B 25 6.76 -13.63 31.27
CA SER B 25 5.45 -13.99 30.71
C SER B 25 4.57 -14.69 31.75
N SER B 26 3.32 -14.27 31.84
CA SER B 26 2.33 -14.94 32.69
C SER B 26 1.95 -16.30 32.11
N GLN B 27 2.37 -16.56 30.87
CA GLN B 27 2.02 -17.76 30.13
C GLN B 27 3.21 -18.10 29.24
N SER B 28 3.65 -19.36 29.24
CA SER B 28 4.93 -19.72 28.58
C SER B 28 4.96 -19.40 27.08
N VAL B 29 6.10 -18.88 26.63
CA VAL B 29 6.28 -18.42 25.26
C VAL B 29 6.48 -19.56 24.28
N ARG B 30 5.89 -19.44 23.10
CA ARG B 30 5.91 -20.52 22.13
C ARG B 30 7.33 -20.87 21.77
N THR B 31 7.65 -22.15 21.78
CA THR B 31 8.96 -22.55 21.34
C THR B 31 9.89 -21.68 22.13
N ASN B 32 10.84 -21.08 21.41
CA ASN B 32 11.64 -20.02 21.96
C ASN B 32 11.57 -18.93 20.91
N LYS B 33 10.35 -18.46 20.70
CA LYS B 33 10.10 -17.44 19.69
C LYS B 33 9.85 -16.08 20.36
N LEU B 34 10.95 -15.45 20.78
CA LEU B 34 10.94 -14.15 21.45
C LEU B 34 11.99 -13.23 20.84
N ALA B 35 11.65 -11.94 20.72
CA ALA B 35 12.51 -10.95 20.09
C ALA B 35 12.63 -9.71 20.94
N TRP B 36 13.73 -8.99 20.79
CA TRP B 36 13.92 -7.72 21.50
C TRP B 36 14.03 -6.56 20.52
N PHE B 37 13.26 -5.50 20.79
CA PHE B 37 13.25 -4.32 19.94
C PHE B 37 13.69 -3.09 20.69
N GLN B 38 14.28 -2.16 19.95
CA GLN B 38 14.68 -0.88 20.50
C GLN B 38 13.90 0.18 19.75
N GLN B 39 13.46 1.22 20.48
CA GLN B 39 12.79 2.34 19.85
C GLN B 39 13.22 3.65 20.49
N LYS B 40 13.63 4.60 19.66
CA LYS B 40 13.88 5.97 20.09
C LYS B 40 12.70 6.83 19.66
N PRO B 41 12.43 7.93 20.38
CA PRO B 41 11.22 8.70 20.07
C PRO B 41 11.22 9.30 18.66
N GLY B 42 10.04 9.28 18.01
CA GLY B 42 9.90 9.72 16.63
C GLY B 42 10.34 8.69 15.61
N GLN B 43 11.08 7.66 16.05
CA GLN B 43 11.65 6.66 15.14
C GLN B 43 10.93 5.32 15.20
N PRO B 44 11.00 4.53 14.12
CA PRO B 44 10.41 3.20 14.15
C PRO B 44 11.22 2.21 14.98
N PRO B 45 10.60 1.10 15.39
CA PRO B 45 11.36 0.12 16.16
C PRO B 45 12.41 -0.62 15.32
N LYS B 46 13.54 -0.96 15.94
CA LYS B 46 14.60 -1.75 15.31
C LYS B 46 14.81 -3.02 16.12
N ARG B 47 14.90 -4.15 15.44
CA ARG B 47 15.07 -5.41 16.15
C ARG B 47 16.54 -5.60 16.49
N LEU B 48 16.80 -5.98 17.73
CA LEU B 48 18.15 -6.28 18.18
C LEU B 48 18.37 -7.79 18.20
N ILE B 49 17.43 -8.51 18.83
CA ILE B 49 17.52 -9.94 18.98
C ILE B 49 16.30 -10.62 18.39
N TYR B 50 16.52 -11.80 17.82
CA TYR B 50 15.46 -12.74 17.48
C TYR B 50 15.84 -14.13 18.00
N SER B 51 14.84 -15.00 18.06
CA SER B 51 15.00 -16.35 18.62
C SER B 51 15.63 -16.34 20.00
N ALA B 52 15.27 -15.35 20.82
CA ALA B 52 15.70 -15.27 22.22
C ALA B 52 17.18 -14.92 22.45
N SER B 53 18.08 -15.51 21.68
CA SER B 53 19.53 -15.34 21.88
C SER B 53 20.28 -14.68 20.73
N THR B 54 19.69 -14.68 19.54
CA THR B 54 20.44 -14.40 18.33
C THR B 54 20.44 -12.93 17.93
N LEU B 55 21.63 -12.35 17.78
CA LEU B 55 21.74 -10.96 17.34
C LEU B 55 21.41 -10.76 15.87
N ASP B 56 20.75 -9.64 15.57
CA ASP B 56 20.51 -9.25 14.18
C ASP B 56 21.77 -8.67 13.56
N PHE B 57 21.79 -8.65 12.24
CA PHE B 57 22.92 -8.14 11.49
C PHE B 57 23.08 -6.64 11.76
N GLY B 58 24.34 -6.21 11.96
CA GLY B 58 24.65 -4.80 12.19
C GLY B 58 24.48 -4.33 13.62
N VAL B 59 23.97 -5.20 14.49
CA VAL B 59 23.73 -4.83 15.89
C VAL B 59 25.02 -5.01 16.73
N PRO B 60 25.36 -4.01 17.54
CA PRO B 60 26.56 -4.06 18.39
C PRO B 60 26.64 -5.26 19.33
N SER B 61 27.83 -5.85 19.46
CA SER B 61 28.01 -7.03 20.29
C SER B 61 27.84 -6.74 21.79
N ARG B 62 27.72 -5.45 22.13
CA ARG B 62 27.33 -5.03 23.47
C ARG B 62 26.02 -5.66 23.93
N PHE B 63 25.11 -5.95 22.98
CA PHE B 63 23.80 -6.54 23.28
C PHE B 63 23.81 -8.07 23.35
N SER B 64 23.15 -8.61 24.36
CA SER B 64 23.13 -10.04 24.59
C SER B 64 21.77 -10.39 25.16
N ALA B 65 21.31 -11.61 24.95
CA ALA B 65 20.02 -12.01 25.53
C ALA B 65 19.93 -13.51 25.78
N SER B 66 19.11 -13.88 26.75
CA SER B 66 18.94 -15.28 27.13
C SER B 66 17.53 -15.52 27.63
N GLY B 67 17.17 -16.80 27.77
CA GLY B 67 15.95 -17.18 28.47
C GLY B 67 15.16 -18.28 27.80
N SER B 68 14.14 -18.76 28.52
CA SER B 68 13.21 -19.76 28.01
C SER B 68 11.92 -19.74 28.83
N GLY B 69 10.89 -20.41 28.33
CA GLY B 69 9.61 -20.54 29.05
C GLY B 69 8.96 -19.21 29.38
N THR B 70 9.19 -18.73 30.60
CA THR B 70 8.56 -17.49 31.10
C THR B 70 9.56 -16.49 31.70
N GLN B 71 10.83 -16.62 31.36
CA GLN B 71 11.85 -15.68 31.82
C GLN B 71 12.86 -15.39 30.73
N PHE B 72 12.94 -14.12 30.32
CA PHE B 72 13.87 -13.69 29.31
C PHE B 72 14.59 -12.42 29.78
N THR B 73 15.81 -12.23 29.30
CA THR B 73 16.65 -11.13 29.77
C THR B 73 17.47 -10.55 28.62
N LEU B 74 17.52 -9.22 28.55
CA LEU B 74 18.37 -8.51 27.61
C LEU B 74 19.45 -7.81 28.39
N THR B 75 20.71 -8.03 28.03
CA THR B 75 21.85 -7.38 28.69
C THR B 75 22.56 -6.42 27.73
N ILE B 76 22.79 -5.19 28.19
CA ILE B 76 23.56 -4.20 27.45
C ILE B 76 24.85 -3.95 28.22
N SER B 77 25.94 -4.56 27.75
CA SER B 77 27.27 -4.33 28.34
C SER B 77 27.88 -3.06 27.76
N ASP B 78 28.76 -2.41 28.52
CA ASP B 78 29.48 -1.25 28.03
C ASP B 78 28.50 -0.20 27.45
N VAL B 79 27.52 0.18 28.26
CA VAL B 79 26.46 1.09 27.85
C VAL B 79 27.00 2.41 27.30
N GLN B 80 26.50 2.79 26.13
CA GLN B 80 26.90 4.00 25.43
C GLN B 80 25.75 4.99 25.46
N CYS B 81 26.07 6.27 25.29
CA CYS B 81 25.05 7.33 25.15
C CYS B 81 24.03 6.97 24.08
N ASP B 82 24.48 6.19 23.11
CA ASP B 82 23.66 5.75 21.99
C ASP B 82 22.49 4.83 22.40
N ASP B 83 22.56 4.24 23.59
CA ASP B 83 21.57 3.23 24.01
C ASP B 83 20.42 3.81 24.81
N ALA B 84 20.41 5.13 24.99
CA ALA B 84 19.28 5.80 25.58
C ALA B 84 18.07 5.57 24.66
N ALA B 85 17.14 4.73 25.12
CA ALA B 85 15.96 4.34 24.34
C ALA B 85 15.01 3.49 25.20
N THR B 86 13.89 3.09 24.59
CA THR B 86 12.96 2.19 25.23
C THR B 86 13.12 0.82 24.59
N TYR B 87 13.16 -0.23 25.40
CA TYR B 87 13.38 -1.60 24.94
C TYR B 87 12.12 -2.45 25.15
N TYR B 88 11.71 -3.17 24.11
CA TYR B 88 10.48 -3.95 24.14
C TYR B 88 10.80 -5.40 23.82
N CYS B 89 10.24 -6.32 24.60
CA CYS B 89 10.27 -7.72 24.26
C CYS B 89 8.98 -8.05 23.55
N LEU B 90 9.03 -9.09 22.71
CA LEU B 90 7.87 -9.54 21.94
C LEU B 90 7.94 -11.05 21.84
N GLY B 91 6.82 -11.72 22.08
CA GLY B 91 6.77 -13.18 22.09
C GLY B 91 5.63 -13.75 21.26
N TYR B 92 5.80 -15.00 20.86
CA TYR B 92 4.76 -15.77 20.16
C TYR B 92 4.00 -16.62 21.17
N PHE B 93 2.71 -16.85 20.90
CA PHE B 93 1.88 -17.72 21.74
C PHE B 93 0.95 -18.53 20.84
N ASP B 94 0.33 -19.55 21.43
CA ASP B 94 -0.62 -20.38 20.70
C ASP B 94 -1.90 -19.57 20.43
N CYS B 95 -2.19 -19.37 19.15
CA CYS B 95 -3.42 -18.71 18.72
C CYS B 95 -4.56 -19.69 18.92
N SER B 96 -5.56 -19.29 19.69
CA SER B 96 -6.68 -20.14 20.16
C SER B 96 -6.55 -20.45 21.65
N ILE B 97 -5.43 -20.07 22.24
CA ILE B 97 -5.30 -19.96 23.69
C ILE B 97 -5.20 -18.48 24.06
N ALA B 98 -4.44 -17.72 23.26
CA ALA B 98 -4.28 -16.28 23.48
C ALA B 98 -3.96 -15.60 22.15
N ASP B 99 -3.60 -14.32 22.21
CA ASP B 99 -3.12 -13.58 21.04
C ASP B 99 -1.86 -14.24 20.53
N CYS B 100 -1.72 -14.34 19.21
CA CYS B 100 -0.53 -14.94 18.60
C CYS B 100 0.74 -14.24 19.06
N VAL B 101 0.70 -12.91 19.08
CA VAL B 101 1.86 -12.10 19.38
C VAL B 101 1.52 -11.08 20.45
N ALA B 102 2.48 -10.80 21.31
CA ALA B 102 2.34 -9.74 22.31
C ALA B 102 3.66 -9.00 22.57
N PHE B 103 3.54 -7.68 22.72
CA PHE B 103 4.63 -6.82 23.19
C PHE B 103 4.58 -6.65 24.70
N GLY B 104 5.75 -6.53 25.30
CA GLY B 104 5.86 -6.17 26.70
C GLY B 104 5.58 -4.69 26.85
N GLY B 105 5.59 -4.23 28.10
CA GLY B 105 5.27 -2.84 28.42
C GLY B 105 6.33 -1.86 27.99
N GLY B 106 7.57 -2.32 27.91
CA GLY B 106 8.68 -1.48 27.47
C GLY B 106 9.44 -0.94 28.64
N THR B 107 10.77 -0.93 28.54
CA THR B 107 11.62 -0.42 29.60
C THR B 107 12.48 0.69 29.03
N GLU B 108 12.45 1.85 29.67
CA GLU B 108 13.25 3.00 29.23
C GLU B 108 14.62 2.99 29.88
N VAL B 109 15.65 3.25 29.08
CA VAL B 109 17.02 3.29 29.57
C VAL B 109 17.55 4.71 29.57
N VAL B 110 18.04 5.14 30.73
CA VAL B 110 18.63 6.46 30.93
C VAL B 110 20.14 6.34 31.09
N VAL B 111 20.87 7.29 30.55
CA VAL B 111 22.33 7.31 30.69
C VAL B 111 22.73 8.20 31.88
N LYS B 112 23.23 7.58 32.96
CA LYS B 112 23.73 8.33 34.12
C LYS B 112 24.92 9.19 33.73
N ARG B 113 24.94 10.39 34.25
CA ARG B 113 25.92 11.41 33.93
C ARG B 113 26.18 12.23 35.19
N THR B 114 27.32 12.89 35.22
CA THR B 114 27.65 13.87 36.24
C THR B 114 26.55 14.96 36.35
N VAL B 115 26.34 15.49 37.56
CA VAL B 115 25.26 16.45 37.82
C VAL B 115 25.53 17.78 37.14
N ALA B 116 24.51 18.32 36.46
CA ALA B 116 24.65 19.55 35.68
C ALA B 116 23.45 20.45 35.88
N ALA B 117 23.68 21.62 36.46
CA ALA B 117 22.61 22.56 36.75
C ALA B 117 22.00 23.11 35.45
N PRO B 118 20.70 23.41 35.48
CA PRO B 118 20.09 24.10 34.36
C PRO B 118 20.47 25.56 34.38
N SER B 119 20.39 26.24 33.25
CA SER B 119 20.38 27.70 33.21
C SER B 119 18.96 28.07 32.81
N VAL B 120 18.42 29.07 33.49
CA VAL B 120 17.00 29.34 33.44
C VAL B 120 16.74 30.65 32.71
N PHE B 121 15.67 30.65 31.93
CA PHE B 121 15.26 31.82 31.19
C PHE B 121 13.75 31.96 31.27
N ILE B 122 13.29 33.18 31.55
CA ILE B 122 11.88 33.47 31.52
C ILE B 122 11.59 34.35 30.30
N PHE B 123 10.46 34.08 29.65
CA PHE B 123 10.03 34.81 28.45
C PHE B 123 8.62 35.35 28.68
N PRO B 124 8.43 36.69 28.58
CA PRO B 124 7.07 37.23 28.73
C PRO B 124 6.23 37.04 27.46
N PRO B 125 4.91 37.27 27.56
CA PRO B 125 4.06 37.25 26.37
C PRO B 125 4.47 38.31 25.34
N SER B 126 4.50 37.93 24.06
CA SER B 126 4.80 38.88 23.00
C SER B 126 3.67 39.89 22.90
N ASP B 127 3.99 41.12 22.51
CA ASP B 127 2.95 42.11 22.25
C ASP B 127 2.01 41.58 21.18
N GLU B 128 2.59 40.89 20.20
CA GLU B 128 1.84 40.24 19.15
C GLU B 128 0.72 39.33 19.68
N GLN B 129 1.04 38.52 20.69
CA GLN B 129 0.06 37.60 21.29
C GLN B 129 -0.96 38.36 22.13
N LEU B 130 -0.50 39.37 22.86
CA LEU B 130 -1.38 40.16 23.72
C LEU B 130 -2.34 41.00 22.91
N LYS B 131 -1.90 41.42 21.72
CA LYS B 131 -2.78 42.08 20.76
C LYS B 131 -4.00 41.19 20.51
N SER B 132 -3.75 39.90 20.35
CA SER B 132 -4.82 38.91 20.37
C SER B 132 -5.27 38.64 21.81
N GLY B 133 -6.26 37.79 21.97
CA GLY B 133 -6.91 37.63 23.27
C GLY B 133 -6.12 37.01 24.41
N THR B 134 -5.02 36.33 24.09
CA THR B 134 -4.39 35.42 25.07
C THR B 134 -3.00 35.86 25.58
N ALA B 135 -2.43 35.09 26.51
CA ALA B 135 -1.14 35.41 27.14
C ALA B 135 -0.39 34.16 27.65
N SER B 136 0.78 33.90 27.06
CA SER B 136 1.65 32.81 27.49
C SER B 136 2.99 33.37 27.97
N VAL B 137 3.41 32.93 29.14
CA VAL B 137 4.76 33.23 29.64
C VAL B 137 5.52 31.89 29.76
N VAL B 138 6.76 31.86 29.30
CA VAL B 138 7.50 30.62 29.16
C VAL B 138 8.77 30.65 29.97
N CYS B 139 9.03 29.54 30.66
CA CYS B 139 10.25 29.34 31.42
C CYS B 139 11.07 28.27 30.74
N LEU B 140 12.36 28.50 30.58
CA LEU B 140 13.24 27.54 29.92
C LEU B 140 14.33 27.07 30.87
N LEU B 141 14.43 25.74 31.02
CA LEU B 141 15.53 25.11 31.75
C LEU B 141 16.37 24.41 30.72
N ASN B 142 17.60 24.89 30.52
CA ASN B 142 18.47 24.41 29.47
C ASN B 142 19.62 23.55 29.99
N ASN B 143 19.73 22.34 29.44
CA ASN B 143 20.92 21.48 29.58
C ASN B 143 21.24 21.06 31.01
N PHE B 144 20.40 20.20 31.56
CA PHE B 144 20.54 19.80 32.94
C PHE B 144 20.46 18.28 33.13
N TYR B 145 21.06 17.79 34.22
CA TYR B 145 20.96 16.38 34.61
C TYR B 145 21.04 16.28 36.14
N PRO B 146 20.19 15.44 36.76
CA PRO B 146 19.21 14.53 36.16
C PRO B 146 17.94 15.24 35.74
N ARG B 147 16.98 14.45 35.27
CA ARG B 147 15.70 14.95 34.76
C ARG B 147 14.81 15.58 35.83
N GLU B 148 14.84 15.05 37.05
CA GLU B 148 13.94 15.57 38.09
C GLU B 148 14.30 17.03 38.39
N ALA B 149 13.30 17.89 38.29
CA ALA B 149 13.45 19.32 38.52
C ALA B 149 12.09 19.93 38.83
N LYS B 150 12.04 20.79 39.84
CA LYS B 150 10.79 21.46 40.20
C LYS B 150 10.74 22.86 39.57
N VAL B 151 9.61 23.15 38.93
CA VAL B 151 9.39 24.46 38.36
C VAL B 151 8.10 25.00 38.95
N GLN B 152 8.21 26.10 39.69
CA GLN B 152 7.06 26.76 40.30
C GLN B 152 6.91 28.16 39.73
N TRP B 153 5.68 28.46 39.30
CA TRP B 153 5.31 29.77 38.80
C TRP B 153 4.69 30.61 39.90
N LYS B 154 5.12 31.86 40.01
CA LYS B 154 4.51 32.81 40.92
C LYS B 154 4.02 34.06 40.17
N VAL B 155 2.77 34.44 40.43
CA VAL B 155 2.19 35.66 39.91
C VAL B 155 1.79 36.53 41.10
N ASP B 156 2.55 37.60 41.33
CA ASP B 156 2.43 38.41 42.56
C ASP B 156 2.48 37.50 43.79
N ASN B 157 3.52 36.67 43.87
CA ASN B 157 3.69 35.67 44.95
C ASN B 157 2.58 34.63 45.12
N ALA B 158 1.62 34.62 44.20
CA ALA B 158 0.58 33.61 44.21
C ALA B 158 1.12 32.38 43.48
N LEU B 159 1.30 31.31 44.23
CA LEU B 159 1.76 30.05 43.69
C LEU B 159 0.74 29.53 42.67
N GLN B 160 1.18 29.30 41.43
CA GLN B 160 0.30 28.80 40.39
C GLN B 160 0.36 27.28 40.37
N SER B 161 -0.80 26.62 40.31
CA SER B 161 -0.84 25.17 40.34
C SER B 161 -1.96 24.60 39.48
N GLY B 162 -1.60 23.67 38.59
CA GLY B 162 -2.56 23.02 37.71
C GLY B 162 -2.73 23.66 36.35
N ASN B 163 -2.27 24.91 36.20
CA ASN B 163 -2.53 25.70 34.97
C ASN B 163 -1.33 26.00 34.06
N SER B 164 -0.21 25.33 34.31
CA SER B 164 0.94 25.34 33.41
C SER B 164 1.05 23.97 32.73
N GLN B 165 1.92 23.89 31.72
CA GLN B 165 2.26 22.62 31.07
C GLN B 165 3.75 22.55 30.79
N GLU B 166 4.32 21.35 30.87
CA GLU B 166 5.76 21.13 30.73
C GLU B 166 6.06 20.16 29.62
N SER B 167 7.04 20.48 28.78
CA SER B 167 7.54 19.48 27.84
C SER B 167 9.01 19.29 28.13
N VAL B 168 9.51 18.05 27.98
CA VAL B 168 10.93 17.76 28.19
C VAL B 168 11.52 17.07 26.96
N THR B 169 12.74 17.45 26.58
CA THR B 169 13.40 16.83 25.43
C THR B 169 13.86 15.42 25.79
N GLU B 170 14.15 14.62 24.77
CA GLU B 170 14.81 13.34 25.00
C GLU B 170 16.26 13.61 25.41
N GLN B 171 16.95 12.59 25.90
CA GLN B 171 18.29 12.78 26.44
C GLN B 171 19.27 13.09 25.30
N ASP B 172 19.99 14.21 25.42
CA ASP B 172 20.93 14.69 24.38
C ASP B 172 21.94 13.61 24.00
N SER B 173 22.22 13.49 22.70
CA SER B 173 23.09 12.44 22.17
C SER B 173 24.56 12.60 22.58
N LYS B 174 25.02 13.84 22.74
CA LYS B 174 26.41 14.11 23.10
C LYS B 174 26.66 14.11 24.62
N ASP B 175 25.99 15.00 25.34
CA ASP B 175 26.28 15.17 26.77
C ASP B 175 25.23 14.59 27.75
N SER B 176 24.20 13.94 27.23
CA SER B 176 23.19 13.25 28.06
C SER B 176 22.30 14.17 28.90
N THR B 177 22.26 15.46 28.56
CA THR B 177 21.48 16.43 29.31
C THR B 177 20.06 16.56 28.77
N TYR B 178 19.16 17.00 29.65
CA TYR B 178 17.79 17.32 29.27
C TYR B 178 17.61 18.84 29.16
N SER B 179 16.59 19.24 28.40
CA SER B 179 16.07 20.61 28.44
C SER B 179 14.57 20.54 28.66
N LEU B 180 14.01 21.61 29.23
CA LEU B 180 12.61 21.61 29.60
C LEU B 180 12.00 22.98 29.40
N SER B 181 10.79 23.02 28.83
CA SER B 181 10.00 24.24 28.74
C SER B 181 8.69 24.10 29.51
N SER B 182 8.41 25.10 30.34
CA SER B 182 7.14 25.21 31.06
C SER B 182 6.43 26.46 30.59
N THR B 183 5.13 26.34 30.36
CA THR B 183 4.31 27.42 29.80
C THR B 183 3.12 27.68 30.72
N LEU B 184 3.05 28.91 31.22
CA LEU B 184 1.90 29.35 32.01
C LEU B 184 0.98 30.16 31.11
N THR B 185 -0.27 29.72 31.03
CA THR B 185 -1.27 30.33 30.17
C THR B 185 -2.34 31.03 31.03
N LEU B 186 -2.53 32.32 30.76
CA LEU B 186 -3.53 33.12 31.43
C LEU B 186 -4.34 33.84 30.37
N SER B 187 -5.57 34.22 30.71
CA SER B 187 -6.32 35.13 29.86
C SER B 187 -5.65 36.50 29.97
N LYS B 188 -5.76 37.29 28.92
CA LYS B 188 -5.15 38.63 28.87
C LYS B 188 -5.65 39.49 30.04
N ALA B 189 -6.96 39.44 30.31
CA ALA B 189 -7.55 40.16 31.45
C ALA B 189 -6.81 39.86 32.74
N ASP B 190 -6.69 38.57 33.08
CA ASP B 190 -5.91 38.12 34.24
C ASP B 190 -4.46 38.59 34.20
N TYR B 191 -3.84 38.50 33.02
CA TYR B 191 -2.45 38.91 32.88
C TYR B 191 -2.28 40.38 33.21
N GLU B 192 -3.23 41.19 32.75
CA GLU B 192 -3.16 42.64 32.99
C GLU B 192 -3.24 42.99 34.48
N LYS B 193 -3.95 42.18 35.25
CA LYS B 193 -4.17 42.45 36.67
C LYS B 193 -2.92 42.50 37.52
N HIS B 194 -1.89 41.73 37.17
CA HIS B 194 -0.73 41.52 38.06
C HIS B 194 0.57 42.03 37.50
N LYS B 195 1.52 42.30 38.38
CA LYS B 195 2.79 42.90 37.99
C LYS B 195 3.93 41.88 37.93
N VAL B 196 4.17 41.16 39.02
CA VAL B 196 5.34 40.28 39.14
C VAL B 196 5.06 38.86 38.65
N TYR B 197 5.73 38.48 37.56
CA TYR B 197 5.67 37.13 37.04
C TYR B 197 7.03 36.50 37.23
N ALA B 198 7.06 35.33 37.88
CA ALA B 198 8.30 34.69 38.28
C ALA B 198 8.27 33.18 38.12
N CYS B 199 9.43 32.62 37.81
CA CYS B 199 9.62 31.19 37.60
C CYS B 199 10.68 30.75 38.56
N GLU B 200 10.37 29.80 39.45
CA GLU B 200 11.33 29.35 40.44
C GLU B 200 11.72 27.90 40.17
N VAL B 201 13.02 27.65 40.16
CA VAL B 201 13.54 26.35 39.78
C VAL B 201 14.38 25.71 40.89
N THR B 202 14.03 24.47 41.22
CA THR B 202 14.73 23.68 42.24
C THR B 202 15.31 22.44 41.59
N HIS B 203 16.62 22.24 41.74
CA HIS B 203 17.33 21.16 41.07
C HIS B 203 18.60 20.79 41.84
N GLN B 204 18.95 19.50 41.80
CA GLN B 204 20.17 18.96 42.44
C GLN B 204 21.40 19.84 42.29
N GLY B 205 21.67 20.26 41.07
CA GLY B 205 22.81 21.11 40.76
C GLY B 205 22.74 22.55 41.25
N LEU B 206 21.61 22.93 41.83
CA LEU B 206 21.45 24.26 42.43
C LEU B 206 21.53 24.15 43.94
N SER B 207 22.54 24.78 44.53
CA SER B 207 22.68 24.78 45.98
C SER B 207 21.53 25.55 46.63
N SER B 208 20.92 26.45 45.86
CA SER B 208 19.72 27.15 46.27
C SER B 208 18.85 27.48 45.04
N PRO B 209 17.51 27.42 45.20
CA PRO B 209 16.64 27.65 44.04
C PRO B 209 16.93 28.93 43.25
N VAL B 210 16.72 28.89 41.94
CA VAL B 210 16.88 30.06 41.08
C VAL B 210 15.50 30.57 40.66
N THR B 211 15.25 31.86 40.90
CA THR B 211 14.06 32.52 40.41
C THR B 211 14.44 33.45 39.27
N LYS B 212 13.74 33.35 38.15
CA LYS B 212 13.85 34.30 37.06
C LYS B 212 12.49 34.96 36.90
N SER B 213 12.47 36.29 36.89
CA SER B 213 11.21 37.04 36.92
C SER B 213 11.30 38.32 36.14
N PHE B 214 10.14 38.94 35.94
CA PHE B 214 10.02 40.19 35.21
C PHE B 214 8.79 40.93 35.68
N ASN B 215 8.82 42.26 35.57
CA ASN B 215 7.68 43.12 35.85
C ASN B 215 7.00 43.51 34.54
N ARG B 216 5.68 43.46 34.53
CA ARG B 216 4.90 43.71 33.32
C ARG B 216 5.02 45.17 32.89
N GLY B 217 5.70 45.38 31.75
CA GLY B 217 5.94 46.72 31.22
C GLY B 217 7.18 47.33 31.84
N GLU B 218 8.30 46.62 31.73
CA GLU B 218 9.55 47.04 32.39
C GLU B 218 10.75 46.29 31.84
N GLN C 1 -26.22 34.07 -15.99
CA GLN C 1 -27.25 33.14 -16.50
C GLN C 1 -26.75 31.69 -16.73
N SER C 2 -25.61 31.32 -16.17
CA SER C 2 -25.03 29.99 -16.37
C SER C 2 -23.97 29.64 -15.31
N VAL C 3 -23.97 28.38 -14.86
CA VAL C 3 -22.94 27.89 -13.94
C VAL C 3 -22.37 26.54 -14.37
N GLU C 4 -21.23 26.17 -13.79
CA GLU C 4 -20.64 24.87 -14.09
C GLU C 4 -19.87 24.32 -12.89
N GLU C 5 -20.11 23.05 -12.57
CA GLU C 5 -19.46 22.38 -11.47
C GLU C 5 -18.25 21.61 -11.98
N SER C 6 -17.25 21.44 -11.12
CA SER C 6 -16.07 20.65 -11.45
C SER C 6 -15.36 20.21 -10.18
N GLY C 7 -14.44 19.25 -10.34
CA GLY C 7 -13.62 18.77 -9.23
C GLY C 7 -14.02 17.41 -8.74
N GLY C 8 -15.18 16.92 -9.18
CA GLY C 8 -15.70 15.63 -8.75
C GLY C 8 -14.89 14.48 -9.31
N ARG C 9 -14.62 13.49 -8.46
CA ARG C 9 -13.80 12.34 -8.86
C ARG C 9 -13.84 11.25 -7.80
N LEU C 10 -13.13 10.16 -8.08
CA LEU C 10 -12.97 9.08 -7.14
C LEU C 10 -11.97 9.49 -6.06
N VAL C 11 -12.36 9.31 -4.81
CA VAL C 11 -11.44 9.46 -3.69
C VAL C 11 -11.61 8.32 -2.72
N THR C 12 -10.58 8.09 -1.92
CA THR C 12 -10.66 7.11 -0.87
C THR C 12 -11.42 7.75 0.31
N PRO C 13 -12.11 6.92 1.11
CA PRO C 13 -12.83 7.44 2.29
C PRO C 13 -11.90 8.13 3.27
N GLY C 14 -12.26 9.36 3.65
CA GLY C 14 -11.43 10.15 4.55
C GLY C 14 -10.65 11.23 3.82
N THR C 15 -10.43 11.03 2.52
CA THR C 15 -9.70 12.00 1.71
C THR C 15 -10.54 13.25 1.53
N PRO C 16 -10.02 14.43 1.90
CA PRO C 16 -10.80 15.64 1.68
C PRO C 16 -10.90 15.95 0.19
N LEU C 17 -11.98 16.63 -0.20
CA LEU C 17 -12.21 17.00 -1.59
C LEU C 17 -12.77 18.42 -1.71
N THR C 18 -12.33 19.15 -2.73
CA THR C 18 -12.88 20.47 -3.05
C THR C 18 -13.57 20.46 -4.41
N LEU C 19 -14.85 20.82 -4.42
CA LEU C 19 -15.60 21.04 -5.65
C LEU C 19 -15.71 22.53 -5.90
N THR C 20 -15.77 22.91 -7.18
CA THR C 20 -15.81 24.32 -7.56
C THR C 20 -17.03 24.63 -8.42
N CYS C 21 -17.67 25.75 -8.12
CA CYS C 21 -18.78 26.26 -8.90
C CYS C 21 -18.33 27.52 -9.63
N THR C 22 -18.27 27.47 -10.95
CA THR C 22 -17.81 28.58 -11.76
C THR C 22 -18.98 29.31 -12.39
N VAL C 23 -19.22 30.52 -11.90
CA VAL C 23 -20.29 31.37 -12.40
C VAL C 23 -19.86 32.11 -13.67
N SER C 24 -20.75 32.14 -14.67
CA SER C 24 -20.55 33.00 -15.83
C SER C 24 -21.86 33.64 -16.26
N GLY C 25 -21.91 34.97 -16.22
CA GLY C 25 -23.09 35.73 -16.65
C GLY C 25 -23.77 36.51 -15.55
N PHE C 26 -23.28 36.39 -14.31
CA PHE C 26 -23.80 37.19 -13.20
C PHE C 26 -22.77 37.30 -12.09
N SER C 27 -23.01 38.21 -11.16
CA SER C 27 -22.01 38.55 -10.15
C SER C 27 -22.33 37.93 -8.80
N LEU C 28 -21.33 37.30 -8.20
CA LEU C 28 -21.45 36.69 -6.87
C LEU C 28 -21.63 37.73 -5.76
N SER C 29 -21.51 39.01 -6.12
CA SER C 29 -21.73 40.11 -5.20
C SER C 29 -23.22 40.37 -4.94
N SER C 30 -24.07 39.91 -5.87
CA SER C 30 -25.52 40.12 -5.75
C SER C 30 -26.31 38.84 -5.98
N ASN C 31 -25.62 37.70 -6.03
CA ASN C 31 -26.28 36.42 -6.26
C ASN C 31 -25.73 35.36 -5.31
N ALA C 32 -26.65 34.68 -4.60
CA ALA C 32 -26.32 33.57 -3.72
C ALA C 32 -26.05 32.31 -4.54
N ILE C 33 -25.41 31.32 -3.92
CA ILE C 33 -25.11 30.04 -4.57
C ILE C 33 -25.39 28.91 -3.60
N ASN C 34 -26.15 27.92 -4.03
CA ASN C 34 -26.45 26.75 -3.22
C ASN C 34 -25.68 25.57 -3.73
N TRP C 35 -25.46 24.59 -2.85
CA TRP C 35 -24.97 23.28 -3.25
C TRP C 35 -26.03 22.24 -2.92
N VAL C 36 -26.22 21.32 -3.87
CA VAL C 36 -27.26 20.32 -3.81
C VAL C 36 -26.66 19.03 -4.34
N ARG C 37 -27.02 17.91 -3.72
CA ARG C 37 -26.53 16.61 -4.17
C ARG C 37 -27.63 15.59 -4.32
N GLN C 38 -27.26 14.46 -4.90
CA GLN C 38 -28.22 13.44 -5.23
C GLN C 38 -27.48 12.12 -5.39
N ALA C 39 -27.73 11.19 -4.48
CA ALA C 39 -27.22 9.82 -4.62
C ALA C 39 -27.87 9.15 -5.84
N PRO C 40 -27.18 8.16 -6.44
CA PRO C 40 -27.74 7.51 -7.64
C PRO C 40 -29.09 6.87 -7.37
N GLY C 41 -30.11 7.26 -8.14
CA GLY C 41 -31.46 6.73 -7.98
C GLY C 41 -32.20 7.27 -6.78
N LYS C 42 -31.70 8.36 -6.21
CA LYS C 42 -32.30 8.92 -5.00
C LYS C 42 -32.70 10.37 -5.23
N GLY C 43 -33.34 10.98 -4.25
CA GLY C 43 -33.90 12.32 -4.38
C GLY C 43 -32.93 13.46 -4.13
N LEU C 44 -33.37 14.67 -4.42
CA LEU C 44 -32.53 15.85 -4.23
C LEU C 44 -32.32 16.19 -2.75
N GLU C 45 -31.10 16.57 -2.40
CA GLU C 45 -30.73 16.87 -1.03
C GLU C 45 -29.95 18.19 -1.01
N TRP C 46 -30.41 19.13 -0.19
CA TRP C 46 -29.79 20.45 -0.11
C TRP C 46 -28.70 20.43 0.96
N ILE C 47 -27.49 20.84 0.58
CA ILE C 47 -26.32 20.79 1.46
C ILE C 47 -26.16 22.10 2.21
N GLY C 48 -26.18 23.20 1.48
CA GLY C 48 -26.06 24.52 2.08
C GLY C 48 -26.01 25.63 1.06
N TYR C 49 -25.81 26.85 1.55
CA TYR C 49 -25.61 27.98 0.66
C TYR C 49 -24.73 29.05 1.27
N ILE C 50 -24.24 29.92 0.39
CA ILE C 50 -23.42 31.04 0.81
C ILE C 50 -24.15 32.32 0.42
N ALA C 51 -24.44 33.14 1.41
CA ALA C 51 -25.14 34.41 1.20
C ALA C 51 -24.27 35.46 0.51
N VAL C 52 -24.92 36.42 -0.15
CA VAL C 52 -24.28 37.61 -0.68
C VAL C 52 -23.36 38.27 0.37
N SER C 53 -23.85 38.38 1.60
CA SER C 53 -23.08 38.94 2.71
C SER C 53 -21.85 38.11 3.12
N GLY C 54 -21.76 36.88 2.61
CA GLY C 54 -20.62 36.01 2.91
C GLY C 54 -20.99 34.93 3.92
N ASN C 55 -22.05 35.18 4.68
CA ASN C 55 -22.62 34.18 5.60
C ASN C 55 -22.87 32.83 4.92
N THR C 56 -22.68 31.75 5.67
CA THR C 56 -22.94 30.40 5.18
C THR C 56 -23.95 29.68 6.07
N TYR C 57 -24.83 28.91 5.45
CA TYR C 57 -25.85 28.15 6.17
C TYR C 57 -25.83 26.69 5.68
N TYR C 58 -25.95 25.73 6.60
CA TYR C 58 -25.82 24.30 6.23
C TYR C 58 -27.02 23.46 6.68
N ALA C 59 -27.19 22.33 6.01
CA ALA C 59 -28.19 21.35 6.45
C ALA C 59 -27.70 20.76 7.75
N SER C 60 -28.63 20.46 8.65
CA SER C 60 -28.29 19.89 9.95
C SER C 60 -27.38 18.66 9.84
N TRP C 61 -27.68 17.76 8.90
CA TRP C 61 -26.83 16.57 8.66
C TRP C 61 -25.46 16.92 8.08
N ALA C 62 -25.35 18.10 7.47
CA ALA C 62 -24.15 18.50 6.74
C ALA C 62 -23.17 19.35 7.54
N LYS C 63 -23.63 19.89 8.68
CA LYS C 63 -22.78 20.73 9.54
C LYS C 63 -21.49 20.02 9.96
N GLY C 64 -20.38 20.75 9.85
CA GLY C 64 -19.07 20.22 10.20
C GLY C 64 -18.37 19.59 9.02
N ARG C 65 -19.05 18.66 8.35
CA ARG C 65 -18.47 17.92 7.24
C ARG C 65 -18.22 18.78 6.00
N PHE C 66 -19.07 19.78 5.77
CA PHE C 66 -18.98 20.62 4.58
C PHE C 66 -18.64 22.09 4.90
N THR C 67 -17.96 22.73 3.95
CA THR C 67 -17.58 24.14 4.04
C THR C 67 -17.73 24.81 2.68
N ILE C 68 -18.61 25.81 2.60
CA ILE C 68 -18.74 26.62 1.39
C ILE C 68 -17.95 27.92 1.58
N SER C 69 -17.27 28.34 0.52
CA SER C 69 -16.52 29.60 0.51
C SER C 69 -16.55 30.17 -0.91
N LYS C 70 -16.42 31.49 -1.05
CA LYS C 70 -16.47 32.08 -2.37
C LYS C 70 -15.32 33.03 -2.76
N ALA C 71 -14.78 32.81 -3.96
CA ALA C 71 -13.83 33.71 -4.59
C ALA C 71 -14.58 34.71 -5.44
N SER C 72 -13.88 35.50 -6.24
CA SER C 72 -14.55 36.48 -7.08
C SER C 72 -15.48 35.88 -8.14
N THR C 73 -15.05 34.82 -8.82
CA THR C 73 -15.93 34.16 -9.79
C THR C 73 -16.26 32.71 -9.50
N THR C 74 -15.71 32.17 -8.42
CA THR C 74 -15.95 30.78 -8.10
C THR C 74 -16.40 30.59 -6.67
N VAL C 75 -17.25 29.60 -6.47
CA VAL C 75 -17.66 29.17 -5.13
C VAL C 75 -17.14 27.75 -4.91
N ASP C 76 -16.53 27.53 -3.74
CA ASP C 76 -15.97 26.23 -3.39
C ASP C 76 -16.91 25.46 -2.48
N LEU C 77 -16.88 24.13 -2.58
CA LEU C 77 -17.46 23.24 -1.58
C LEU C 77 -16.40 22.25 -1.16
N LYS C 78 -16.05 22.29 0.12
CA LYS C 78 -15.02 21.41 0.68
C LYS C 78 -15.61 20.32 1.55
N MET C 79 -15.35 19.08 1.16
CA MET C 79 -15.76 17.91 1.93
C MET C 79 -14.61 17.48 2.81
N THR C 80 -14.93 17.08 4.04
CA THR C 80 -13.96 16.43 4.94
C THR C 80 -14.55 15.12 5.45
N SER C 81 -13.67 14.20 5.83
CA SER C 81 -14.07 12.84 6.17
C SER C 81 -15.19 12.29 5.27
N PRO C 82 -14.98 12.28 3.94
CA PRO C 82 -16.00 11.71 3.06
C PRO C 82 -16.19 10.22 3.26
N THR C 83 -17.45 9.79 3.30
CA THR C 83 -17.78 8.38 3.40
C THR C 83 -18.54 7.94 2.15
N ALA C 84 -18.84 6.64 2.06
CA ALA C 84 -19.58 6.08 0.93
C ALA C 84 -20.97 6.74 0.73
N GLU C 85 -21.60 7.15 1.83
CA GLU C 85 -22.91 7.82 1.77
C GLU C 85 -22.85 9.16 1.04
N ASP C 86 -21.64 9.68 0.82
CA ASP C 86 -21.44 10.96 0.14
C ASP C 86 -21.25 10.83 -1.37
N THR C 87 -21.27 9.59 -1.87
CA THR C 87 -21.17 9.32 -3.30
C THR C 87 -22.43 9.83 -3.99
N GLY C 88 -22.26 10.43 -5.17
CA GLY C 88 -23.40 10.92 -5.94
C GLY C 88 -23.04 12.16 -6.72
N THR C 89 -24.05 12.81 -7.32
CA THR C 89 -23.84 13.98 -8.18
C THR C 89 -24.11 15.26 -7.39
N TYR C 90 -23.23 16.25 -7.54
CA TYR C 90 -23.31 17.50 -6.81
C TYR C 90 -23.58 18.66 -7.76
N PHE C 91 -24.69 19.37 -7.55
CA PHE C 91 -25.08 20.53 -8.33
C PHE C 91 -24.88 21.84 -7.54
N CYS C 92 -24.44 22.89 -8.24
CA CYS C 92 -24.47 24.24 -7.66
C CYS C 92 -25.48 25.08 -8.44
N GLY C 93 -25.98 26.13 -7.78
CA GLY C 93 -26.85 27.07 -8.45
C GLY C 93 -27.78 27.91 -7.58
N LYS C 94 -28.74 28.54 -8.23
CA LYS C 94 -29.75 29.32 -7.54
C LYS C 94 -30.94 29.42 -8.46
N SER C 95 -32.12 29.69 -7.92
CA SER C 95 -33.23 30.04 -8.78
C SER C 95 -33.37 29.02 -9.90
N ASN C 96 -33.40 29.50 -11.13
CA ASN C 96 -33.49 28.63 -12.30
C ASN C 96 -32.15 28.30 -12.96
N ILE C 97 -31.05 28.62 -12.27
CA ILE C 97 -29.71 28.46 -12.80
C ILE C 97 -29.03 27.29 -12.09
N TRP C 98 -28.91 26.17 -12.81
CA TRP C 98 -28.23 24.99 -12.29
C TRP C 98 -27.34 24.41 -13.37
N GLY C 99 -26.20 23.87 -12.98
CA GLY C 99 -25.25 23.29 -13.91
C GLY C 99 -25.48 21.80 -14.13
N PRO C 100 -24.67 21.18 -15.00
CA PRO C 100 -24.83 19.76 -15.31
C PRO C 100 -24.59 18.85 -14.11
N GLY C 101 -23.76 19.32 -13.19
CA GLY C 101 -23.46 18.58 -11.97
C GLY C 101 -22.10 17.90 -12.10
N THR C 102 -21.51 17.57 -10.95
CA THR C 102 -20.25 16.85 -10.91
C THR C 102 -20.36 15.61 -10.01
N LEU C 103 -19.89 14.47 -10.52
CA LEU C 103 -20.02 13.18 -9.84
C LEU C 103 -18.83 12.92 -8.91
N VAL C 104 -19.12 12.66 -7.64
CA VAL C 104 -18.11 12.30 -6.65
C VAL C 104 -18.27 10.83 -6.26
N THR C 105 -17.17 10.09 -6.23
CA THR C 105 -17.22 8.69 -5.77
C THR C 105 -16.27 8.49 -4.61
N VAL C 106 -16.78 7.94 -3.52
CA VAL C 106 -15.95 7.65 -2.34
C VAL C 106 -15.82 6.13 -2.20
N SER C 107 -14.61 5.63 -2.43
CA SER C 107 -14.37 4.18 -2.43
C SER C 107 -12.89 3.82 -2.41
N LEU C 108 -12.61 2.59 -1.97
CA LEU C 108 -11.26 2.05 -1.96
C LEU C 108 -10.91 1.35 -3.27
N ALA C 109 -11.92 1.05 -4.07
CA ALA C 109 -11.71 0.35 -5.34
C ALA C 109 -10.98 1.25 -6.33
N SER C 110 -10.11 0.66 -7.14
CA SER C 110 -9.28 1.41 -8.07
C SER C 110 -9.94 1.60 -9.44
N THR C 111 -9.61 2.70 -10.08
CA THR C 111 -10.07 2.99 -11.43
C THR C 111 -9.75 1.81 -12.35
N LYS C 112 -10.73 1.42 -13.16
CA LYS C 112 -10.49 0.41 -14.18
C LYS C 112 -11.24 0.73 -15.48
N GLY C 113 -10.54 0.63 -16.61
CA GLY C 113 -11.16 0.85 -17.90
C GLY C 113 -12.07 -0.31 -18.30
N PRO C 114 -13.14 -0.02 -19.06
CA PRO C 114 -14.02 -1.06 -19.57
C PRO C 114 -13.41 -1.90 -20.70
N SER C 115 -13.95 -3.10 -20.90
CA SER C 115 -13.81 -3.82 -22.15
C SER C 115 -15.10 -3.60 -22.93
N VAL C 116 -15.00 -3.57 -24.26
CA VAL C 116 -16.17 -3.36 -25.11
C VAL C 116 -16.32 -4.55 -26.04
N PHE C 117 -17.35 -5.33 -25.83
CA PHE C 117 -17.62 -6.50 -26.65
C PHE C 117 -18.87 -6.22 -27.46
N PRO C 118 -18.94 -6.78 -28.68
CA PRO C 118 -20.12 -6.60 -29.49
C PRO C 118 -21.25 -7.49 -29.01
N LEU C 119 -22.48 -6.99 -29.14
CA LEU C 119 -23.68 -7.82 -29.06
C LEU C 119 -24.17 -7.90 -30.48
N ALA C 120 -23.76 -8.96 -31.18
CA ALA C 120 -23.94 -9.07 -32.63
C ALA C 120 -25.34 -9.54 -33.01
N PRO C 121 -25.89 -9.01 -34.11
CA PRO C 121 -27.19 -9.48 -34.61
C PRO C 121 -27.05 -10.81 -35.35
N THR C 130 -36.56 -6.02 -39.06
CA THR C 130 -36.08 -5.28 -37.88
C THR C 130 -35.17 -6.08 -36.94
N ALA C 131 -33.90 -5.68 -36.87
CA ALA C 131 -32.88 -6.37 -36.10
C ALA C 131 -32.36 -5.54 -34.93
N ALA C 132 -31.70 -6.22 -33.99
CA ALA C 132 -31.12 -5.57 -32.81
C ALA C 132 -29.65 -5.91 -32.65
N LEU C 133 -28.85 -4.92 -32.29
CA LEU C 133 -27.45 -5.12 -31.98
C LEU C 133 -27.04 -4.19 -30.86
N GLY C 134 -25.80 -4.30 -30.39
CA GLY C 134 -25.37 -3.44 -29.32
C GLY C 134 -23.95 -3.65 -28.83
N CYS C 135 -23.63 -2.95 -27.74
CA CYS C 135 -22.32 -3.05 -27.11
C CYS C 135 -22.46 -3.33 -25.61
N LEU C 136 -21.61 -4.22 -25.12
CA LEU C 136 -21.54 -4.57 -23.71
C LEU C 136 -20.26 -3.96 -23.16
N VAL C 137 -20.40 -2.89 -22.39
CA VAL C 137 -19.27 -2.19 -21.80
C VAL C 137 -19.02 -2.78 -20.42
N LYS C 138 -18.01 -3.63 -20.33
CA LYS C 138 -17.86 -4.51 -19.16
C LYS C 138 -16.66 -4.17 -18.27
N ASP C 139 -16.88 -4.32 -16.97
CA ASP C 139 -15.82 -4.27 -15.96
C ASP C 139 -15.09 -2.93 -15.94
N TYR C 140 -15.77 -1.91 -15.44
CA TYR C 140 -15.14 -0.59 -15.27
C TYR C 140 -15.50 0.05 -13.95
N PHE C 141 -14.70 1.03 -13.56
CA PHE C 141 -14.89 1.77 -12.33
C PHE C 141 -14.03 3.03 -12.39
N PRO C 142 -14.54 4.16 -11.87
CA PRO C 142 -15.90 4.39 -11.39
C PRO C 142 -16.84 4.73 -12.55
N GLU C 143 -18.07 5.13 -12.23
CA GLU C 143 -18.98 5.76 -13.19
C GLU C 143 -18.40 7.12 -13.56
N PRO C 144 -18.85 7.72 -14.68
CA PRO C 144 -19.79 7.22 -15.68
C PRO C 144 -19.13 6.77 -17.00
N VAL C 145 -19.92 6.11 -17.86
CA VAL C 145 -19.53 5.89 -19.25
C VAL C 145 -20.55 6.51 -20.16
N THR C 146 -20.07 6.98 -21.31
CA THR C 146 -20.89 7.57 -22.33
C THR C 146 -20.96 6.62 -23.50
N VAL C 147 -22.16 6.43 -24.06
CA VAL C 147 -22.31 5.68 -25.30
C VAL C 147 -23.15 6.45 -26.31
N SER C 148 -22.60 6.61 -27.51
CA SER C 148 -23.35 7.08 -28.65
C SER C 148 -23.08 6.13 -29.80
N TRP C 149 -23.91 6.21 -30.82
CA TRP C 149 -23.76 5.36 -31.99
C TRP C 149 -23.47 6.21 -33.22
N ASN C 150 -22.60 5.70 -34.10
CA ASN C 150 -22.17 6.42 -35.29
C ASN C 150 -21.90 7.90 -35.02
N SER C 151 -21.17 8.16 -33.94
CA SER C 151 -20.80 9.52 -33.55
C SER C 151 -22.00 10.46 -33.48
N GLY C 152 -23.09 9.99 -32.86
CA GLY C 152 -24.27 10.81 -32.63
C GLY C 152 -25.25 10.85 -33.77
N ALA C 153 -24.86 10.40 -34.96
CA ALA C 153 -25.74 10.42 -36.12
C ALA C 153 -26.83 9.35 -36.09
N LEU C 154 -26.76 8.44 -35.11
CA LEU C 154 -27.79 7.41 -34.93
C LEU C 154 -28.46 7.57 -33.57
N THR C 155 -29.72 8.02 -33.57
CA THR C 155 -30.42 8.33 -32.31
C THR C 155 -31.65 7.48 -32.14
N SER C 156 -32.46 7.37 -33.20
CA SER C 156 -33.69 6.59 -33.15
C SER C 156 -33.44 5.15 -32.73
N GLY C 157 -34.27 4.66 -31.82
CA GLY C 157 -34.23 3.28 -31.37
C GLY C 157 -33.08 2.92 -30.44
N VAL C 158 -32.27 3.91 -30.04
CA VAL C 158 -31.11 3.64 -29.17
C VAL C 158 -31.55 3.52 -27.72
N HIS C 159 -31.12 2.45 -27.04
CA HIS C 159 -31.32 2.31 -25.60
C HIS C 159 -30.01 2.02 -24.88
N THR C 160 -29.61 2.90 -23.98
CA THR C 160 -28.44 2.68 -23.13
C THR C 160 -28.95 2.46 -21.71
N PHE C 161 -28.61 1.29 -21.14
CA PHE C 161 -29.21 0.87 -19.87
C PHE C 161 -28.38 1.34 -18.69
N PRO C 162 -29.03 1.65 -17.56
CA PRO C 162 -28.26 1.91 -16.36
C PRO C 162 -27.27 0.78 -16.08
N ALA C 163 -26.06 1.13 -15.67
CA ALA C 163 -25.04 0.12 -15.40
C ALA C 163 -25.41 -0.66 -14.16
N VAL C 164 -24.95 -1.91 -14.07
CA VAL C 164 -25.14 -2.71 -12.86
C VAL C 164 -23.79 -2.93 -12.19
N LEU C 165 -23.82 -2.99 -10.87
CA LEU C 165 -22.62 -3.21 -10.09
C LEU C 165 -22.50 -4.70 -9.81
N GLN C 166 -21.52 -5.34 -10.42
CA GLN C 166 -21.39 -6.78 -10.29
C GLN C 166 -20.89 -7.16 -8.90
N SER C 167 -20.88 -8.47 -8.62
CA SER C 167 -20.32 -9.01 -7.38
C SER C 167 -18.85 -8.67 -7.25
N SER C 168 -18.18 -8.57 -8.40
CA SER C 168 -16.75 -8.25 -8.46
C SER C 168 -16.41 -6.83 -7.96
N GLY C 169 -17.41 -5.97 -7.85
CA GLY C 169 -17.19 -4.57 -7.45
C GLY C 169 -17.00 -3.65 -8.64
N LEU C 170 -17.20 -4.18 -9.85
CA LEU C 170 -17.06 -3.41 -11.08
C LEU C 170 -18.41 -3.25 -11.76
N TYR C 171 -18.50 -2.23 -12.62
CA TYR C 171 -19.72 -1.93 -13.36
C TYR C 171 -19.76 -2.58 -14.74
N SER C 172 -20.97 -2.87 -15.19
CA SER C 172 -21.21 -3.41 -16.53
C SER C 172 -22.45 -2.79 -17.11
N LEU C 173 -22.42 -2.53 -18.42
CA LEU C 173 -23.49 -1.78 -19.06
C LEU C 173 -23.78 -2.27 -20.48
N SER C 174 -25.01 -2.10 -20.91
CA SER C 174 -25.41 -2.37 -22.29
C SER C 174 -25.89 -1.12 -23.01
N SER C 175 -25.54 -1.04 -24.29
CA SER C 175 -26.20 -0.15 -25.20
C SER C 175 -26.71 -1.00 -26.37
N VAL C 176 -27.95 -0.76 -26.78
CA VAL C 176 -28.53 -1.47 -27.91
C VAL C 176 -29.19 -0.49 -28.89
N VAL C 177 -29.35 -0.94 -30.13
CA VAL C 177 -30.06 -0.17 -31.14
C VAL C 177 -30.81 -1.14 -32.06
N THR C 178 -31.99 -0.72 -32.51
CA THR C 178 -32.79 -1.53 -33.41
C THR C 178 -32.84 -0.90 -34.80
N VAL C 179 -32.37 -1.65 -35.80
CA VAL C 179 -32.22 -1.16 -37.17
C VAL C 179 -32.98 -2.05 -38.13
N PRO C 180 -33.24 -1.58 -39.36
CA PRO C 180 -33.88 -2.50 -40.30
C PRO C 180 -32.93 -3.65 -40.65
N SER C 181 -33.45 -4.87 -40.69
CA SER C 181 -32.63 -6.03 -41.04
C SER C 181 -31.99 -5.87 -42.43
N SER C 182 -32.69 -5.19 -43.34
CA SER C 182 -32.13 -4.80 -44.64
C SER C 182 -30.75 -4.13 -44.56
N SER C 183 -30.52 -3.37 -43.50
CA SER C 183 -29.29 -2.59 -43.35
C SER C 183 -28.09 -3.38 -42.88
N LEU C 184 -28.31 -4.55 -42.30
CA LEU C 184 -27.22 -5.26 -41.64
C LEU C 184 -26.02 -5.47 -42.56
N GLY C 185 -26.28 -5.83 -43.81
CA GLY C 185 -25.24 -6.01 -44.80
C GLY C 185 -24.62 -4.71 -45.26
N THR C 186 -25.46 -3.73 -45.57
CA THR C 186 -25.02 -2.50 -46.25
C THR C 186 -24.42 -1.42 -45.32
N GLN C 187 -25.00 -1.25 -44.12
CA GLN C 187 -24.59 -0.16 -43.21
C GLN C 187 -23.63 -0.59 -42.10
N THR C 188 -22.73 0.32 -41.75
CA THR C 188 -21.76 0.14 -40.66
C THR C 188 -22.36 0.69 -39.36
N TYR C 189 -22.13 -0.02 -38.25
CA TYR C 189 -22.63 0.40 -36.94
C TYR C 189 -21.50 0.40 -35.91
N ILE C 190 -21.28 1.55 -35.28
CA ILE C 190 -20.16 1.78 -34.40
C ILE C 190 -20.65 2.41 -33.09
N CYS C 191 -20.54 1.70 -31.97
CA CYS C 191 -20.83 2.32 -30.68
C CYS C 191 -19.57 3.04 -30.18
N ASN C 192 -19.77 4.25 -29.67
CA ASN C 192 -18.69 5.11 -29.20
C ASN C 192 -18.72 5.11 -27.68
N VAL C 193 -17.84 4.33 -27.08
CA VAL C 193 -17.75 4.26 -25.64
C VAL C 193 -16.68 5.22 -25.13
N ASN C 194 -17.03 6.01 -24.13
CA ASN C 194 -16.06 6.83 -23.44
C ASN C 194 -16.18 6.63 -21.93
N HIS C 195 -15.05 6.33 -21.30
CA HIS C 195 -14.93 6.26 -19.86
C HIS C 195 -13.81 7.19 -19.44
N LYS C 196 -14.16 8.46 -19.24
CA LYS C 196 -13.20 9.53 -18.96
C LYS C 196 -12.36 9.30 -17.70
N PRO C 197 -12.94 8.70 -16.66
CA PRO C 197 -12.13 8.46 -15.44
C PRO C 197 -10.85 7.65 -15.65
N SER C 198 -10.80 6.80 -16.68
CA SER C 198 -9.59 6.05 -17.04
C SER C 198 -9.03 6.48 -18.37
N ASN C 199 -9.60 7.55 -18.94
CA ASN C 199 -9.32 8.02 -20.29
C ASN C 199 -9.41 6.94 -21.36
N THR C 200 -10.34 6.00 -21.19
CA THR C 200 -10.58 4.95 -22.16
C THR C 200 -11.66 5.43 -23.12
N LYS C 201 -11.32 5.50 -24.39
CA LYS C 201 -12.25 5.91 -25.43
C LYS C 201 -12.17 4.91 -26.58
N VAL C 202 -13.27 4.19 -26.82
CA VAL C 202 -13.29 3.18 -27.86
C VAL C 202 -14.39 3.47 -28.86
N ASP C 203 -14.12 3.15 -30.12
CA ASP C 203 -15.13 3.09 -31.16
C ASP C 203 -15.09 1.66 -31.70
N LYS C 204 -16.23 0.97 -31.61
CA LYS C 204 -16.32 -0.47 -31.83
C LYS C 204 -17.37 -0.81 -32.89
N LYS C 205 -16.93 -1.42 -33.98
CA LYS C 205 -17.84 -1.82 -35.05
C LYS C 205 -18.56 -3.10 -34.66
N VAL C 206 -19.89 -3.06 -34.68
CA VAL C 206 -20.72 -4.22 -34.45
C VAL C 206 -21.29 -4.69 -35.78
N GLU C 207 -21.05 -5.95 -36.10
CA GLU C 207 -21.51 -6.51 -37.36
C GLU C 207 -21.93 -7.96 -37.17
N PRO C 208 -22.62 -8.54 -38.16
CA PRO C 208 -23.01 -9.95 -38.05
C PRO C 208 -21.81 -10.89 -37.92
N LYS C 209 -21.87 -11.80 -36.95
CA LYS C 209 -20.86 -12.86 -36.82
C LYS C 209 -21.17 -13.92 -37.90
N SER C 210 -20.12 -14.50 -38.48
CA SER C 210 -20.29 -15.56 -39.50
C SER C 210 -20.35 -16.94 -38.85
N GLN D 2 -37.58 14.63 8.45
CA GLN D 2 -38.08 15.23 7.17
C GLN D 2 -39.23 16.21 7.42
N VAL D 3 -38.98 17.49 7.11
CA VAL D 3 -39.97 18.54 7.30
C VAL D 3 -40.99 18.56 6.15
N LEU D 4 -40.54 18.26 4.92
CA LEU D 4 -41.40 18.27 3.71
C LEU D 4 -41.58 16.88 3.09
N THR D 5 -42.84 16.52 2.83
CA THR D 5 -43.21 15.17 2.36
C THR D 5 -44.21 15.29 1.23
N GLN D 6 -44.00 14.53 0.17
CA GLN D 6 -44.82 14.61 -1.03
C GLN D 6 -45.60 13.33 -1.26
N THR D 7 -46.64 13.46 -2.08
CA THR D 7 -47.33 12.33 -2.72
C THR D 7 -46.37 11.17 -2.99
N THR D 8 -46.80 9.97 -2.60
CA THR D 8 -46.08 8.72 -2.84
C THR D 8 -45.68 8.56 -4.31
N SER D 9 -44.44 8.18 -4.55
CA SER D 9 -43.98 7.87 -5.91
C SER D 9 -44.31 6.41 -6.24
N PRO D 10 -44.76 6.12 -7.47
CA PRO D 10 -45.09 7.00 -8.59
C PRO D 10 -46.56 7.42 -8.63
N VAL D 11 -46.85 8.32 -9.56
CA VAL D 11 -48.19 8.76 -9.88
C VAL D 11 -48.38 8.48 -11.37
N SER D 12 -49.54 7.93 -11.72
CA SER D 12 -49.85 7.52 -13.09
C SER D 12 -50.96 8.36 -13.68
N ALA D 13 -50.84 8.68 -14.96
CA ALA D 13 -51.87 9.45 -15.65
C ALA D 13 -51.85 9.23 -17.14
N ALA D 14 -53.04 9.20 -17.72
CA ALA D 14 -53.18 9.14 -19.17
C ALA D 14 -52.79 10.47 -19.76
N VAL D 15 -52.36 10.45 -21.03
CA VAL D 15 -52.09 11.68 -21.77
C VAL D 15 -53.37 12.49 -21.81
N GLY D 16 -53.28 13.78 -21.50
CA GLY D 16 -54.46 14.64 -21.44
C GLY D 16 -55.20 14.66 -20.11
N SER D 17 -54.73 13.90 -19.11
CA SER D 17 -55.38 13.93 -17.79
C SER D 17 -54.76 14.99 -16.90
N THR D 18 -55.32 15.17 -15.72
CA THR D 18 -54.74 16.06 -14.73
C THR D 18 -54.06 15.24 -13.66
N VAL D 19 -52.85 15.66 -13.26
CA VAL D 19 -52.21 15.08 -12.10
C VAL D 19 -51.92 16.12 -11.05
N THR D 20 -52.21 15.74 -9.81
CA THR D 20 -51.95 16.57 -8.67
C THR D 20 -50.84 15.94 -7.83
N ILE D 21 -49.89 16.76 -7.42
CA ILE D 21 -48.85 16.34 -6.50
C ILE D 21 -48.89 17.30 -5.31
N SER D 22 -49.07 16.72 -4.13
CA SER D 22 -49.10 17.46 -2.88
C SER D 22 -47.72 17.56 -2.23
N CYS D 23 -47.48 18.71 -1.61
CA CYS D 23 -46.32 18.94 -0.77
C CYS D 23 -46.87 19.30 0.59
N GLN D 24 -46.38 18.67 1.64
CA GLN D 24 -46.93 18.88 2.96
C GLN D 24 -45.82 19.06 3.98
N SER D 25 -46.01 20.04 4.87
CA SER D 25 -44.98 20.48 5.78
C SER D 25 -45.36 20.35 7.25
N SER D 26 -44.39 19.89 8.05
CA SER D 26 -44.56 19.84 9.50
C SER D 26 -44.28 21.21 10.12
N GLN D 27 -43.71 22.13 9.34
CA GLN D 27 -43.53 23.52 9.76
C GLN D 27 -44.16 24.41 8.72
N SER D 28 -44.80 25.50 9.14
CA SER D 28 -45.26 26.51 8.18
C SER D 28 -44.09 26.97 7.35
N VAL D 29 -44.32 27.03 6.04
CA VAL D 29 -43.30 27.45 5.10
C VAL D 29 -43.22 28.96 5.21
N ARG D 30 -42.01 29.50 5.21
CA ARG D 30 -41.82 30.94 5.20
C ARG D 30 -42.74 31.51 4.11
N THR D 31 -43.57 32.48 4.49
CA THR D 31 -44.75 32.84 3.70
C THR D 31 -44.47 33.01 2.21
N ASN D 32 -45.25 32.33 1.38
CA ASN D 32 -45.21 32.53 -0.07
C ASN D 32 -43.87 32.16 -0.68
N LYS D 33 -43.14 31.27 -0.01
CA LYS D 33 -41.74 31.01 -0.34
C LYS D 33 -41.54 29.52 -0.55
N LEU D 34 -42.11 29.04 -1.65
CA LEU D 34 -42.03 27.64 -2.01
C LEU D 34 -41.90 27.52 -3.52
N ALA D 35 -41.16 26.52 -3.97
CA ALA D 35 -40.90 26.33 -5.38
C ALA D 35 -41.09 24.88 -5.75
N TRP D 36 -41.40 24.63 -7.01
CA TRP D 36 -41.47 23.28 -7.54
C TRP D 36 -40.45 23.11 -8.68
N PHE D 37 -39.83 21.92 -8.70
CA PHE D 37 -38.78 21.60 -9.66
C PHE D 37 -39.09 20.33 -10.42
N GLN D 38 -38.67 20.27 -11.67
CA GLN D 38 -38.81 19.09 -12.51
C GLN D 38 -37.43 18.56 -12.81
N GLN D 39 -37.21 17.26 -12.63
CA GLN D 39 -35.96 16.63 -13.02
C GLN D 39 -36.19 15.38 -13.85
N LYS D 40 -35.69 15.39 -15.07
CA LYS D 40 -35.63 14.19 -15.90
C LYS D 40 -34.27 13.54 -15.68
N PRO D 41 -34.16 12.21 -15.93
CA PRO D 41 -32.92 11.50 -15.59
C PRO D 41 -31.69 12.00 -16.36
N GLY D 42 -30.54 12.00 -15.70
CA GLY D 42 -29.32 12.56 -16.25
C GLY D 42 -29.29 14.08 -16.35
N GLN D 43 -30.43 14.73 -16.10
CA GLN D 43 -30.55 16.17 -16.25
C GLN D 43 -30.56 16.89 -14.90
N PRO D 44 -30.18 18.16 -14.89
CA PRO D 44 -30.25 18.91 -13.64
C PRO D 44 -31.69 19.26 -13.29
N PRO D 45 -31.92 19.78 -12.07
CA PRO D 45 -33.25 20.24 -11.74
C PRO D 45 -33.60 21.51 -12.49
N LYS D 46 -34.87 21.62 -12.91
CA LYS D 46 -35.38 22.75 -13.65
C LYS D 46 -36.60 23.31 -12.92
N ARG D 47 -36.54 24.61 -12.60
CA ARG D 47 -37.58 25.24 -11.82
C ARG D 47 -38.81 25.53 -12.68
N LEU D 48 -39.98 25.18 -12.15
CA LEU D 48 -41.27 25.40 -12.83
C LEU D 48 -42.10 26.51 -12.17
N ILE D 49 -41.99 26.59 -10.85
CA ILE D 49 -42.86 27.40 -10.03
C ILE D 49 -41.99 27.99 -8.92
N TYR D 50 -42.21 29.27 -8.64
CA TYR D 50 -41.61 29.94 -7.51
C TYR D 50 -42.67 30.84 -6.91
N SER D 51 -42.44 31.24 -5.66
CA SER D 51 -43.41 32.01 -4.88
C SER D 51 -44.77 31.30 -4.81
N ALA D 52 -44.73 29.97 -4.72
CA ALA D 52 -45.94 29.14 -4.56
C ALA D 52 -46.90 29.12 -5.75
N SER D 53 -47.13 30.26 -6.40
CA SER D 53 -48.16 30.42 -7.45
C SER D 53 -47.60 30.64 -8.84
N THR D 54 -46.45 31.29 -8.93
CA THR D 54 -45.99 31.88 -10.19
C THR D 54 -45.17 30.96 -11.08
N LEU D 55 -45.60 30.86 -12.34
CA LEU D 55 -44.86 30.11 -13.35
C LEU D 55 -43.54 30.80 -13.67
N ASP D 56 -42.50 29.98 -13.80
CA ASP D 56 -41.21 30.48 -14.25
C ASP D 56 -41.24 30.66 -15.76
N PHE D 57 -40.32 31.46 -16.28
CA PHE D 57 -40.28 31.74 -17.72
C PHE D 57 -40.07 30.48 -18.54
N GLY D 58 -40.84 30.35 -19.62
CA GLY D 58 -40.72 29.21 -20.53
C GLY D 58 -41.63 28.04 -20.21
N VAL D 59 -42.28 28.09 -19.04
CA VAL D 59 -43.05 26.95 -18.54
C VAL D 59 -44.46 26.97 -19.12
N PRO D 60 -44.89 25.86 -19.75
CA PRO D 60 -46.26 25.84 -20.31
C PRO D 60 -47.32 26.08 -19.25
N SER D 61 -48.40 26.75 -19.63
CA SER D 61 -49.45 27.11 -18.68
C SER D 61 -50.30 25.90 -18.26
N ARG D 62 -50.02 24.74 -18.85
CA ARG D 62 -50.56 23.48 -18.38
C ARG D 62 -50.29 23.31 -16.86
N PHE D 63 -49.13 23.80 -16.41
CA PHE D 63 -48.66 23.73 -15.02
C PHE D 63 -49.18 24.87 -14.15
N SER D 64 -49.68 24.57 -12.97
CA SER D 64 -50.12 25.61 -12.04
C SER D 64 -49.95 25.12 -10.60
N ALA D 65 -49.87 26.06 -9.68
CA ALA D 65 -49.59 25.72 -8.30
C ALA D 65 -50.29 26.65 -7.35
N SER D 66 -50.59 26.12 -6.17
CA SER D 66 -51.30 26.87 -5.16
C SER D 66 -50.88 26.39 -3.78
N GLY D 67 -51.41 27.05 -2.76
CA GLY D 67 -51.19 26.62 -1.39
C GLY D 67 -50.64 27.74 -0.54
N SER D 68 -50.56 27.46 0.75
CA SER D 68 -49.93 28.33 1.74
C SER D 68 -49.82 27.54 3.03
N GLY D 69 -48.99 28.03 3.95
CA GLY D 69 -48.86 27.44 5.27
C GLY D 69 -48.15 26.11 5.24
N THR D 70 -48.89 25.04 5.47
CA THR D 70 -48.34 23.69 5.51
C THR D 70 -48.79 22.83 4.34
N GLN D 71 -49.58 23.42 3.44
CA GLN D 71 -50.24 22.71 2.36
C GLN D 71 -49.94 23.35 1.01
N PHE D 72 -49.32 22.58 0.11
CA PHE D 72 -49.02 23.07 -1.24
C PHE D 72 -49.31 22.02 -2.31
N THR D 73 -49.76 22.48 -3.48
CA THR D 73 -50.18 21.58 -4.54
C THR D 73 -49.70 22.03 -5.93
N LEU D 74 -49.10 21.11 -6.68
CA LEU D 74 -48.76 21.34 -8.08
C LEU D 74 -49.71 20.54 -8.98
N THR D 75 -50.40 21.21 -9.90
CA THR D 75 -51.27 20.52 -10.84
C THR D 75 -50.73 20.61 -12.27
N ILE D 76 -50.72 19.48 -12.95
CA ILE D 76 -50.30 19.43 -14.33
C ILE D 76 -51.52 19.00 -15.10
N SER D 77 -52.27 19.97 -15.63
CA SER D 77 -53.40 19.71 -16.52
C SER D 77 -52.89 19.18 -17.83
N ASP D 78 -53.70 18.38 -18.51
CA ASP D 78 -53.44 18.01 -19.90
C ASP D 78 -52.07 17.34 -20.04
N VAL D 79 -51.89 16.24 -19.35
CA VAL D 79 -50.60 15.59 -19.22
C VAL D 79 -50.06 15.17 -20.59
N GLN D 80 -48.75 15.36 -20.78
CA GLN D 80 -48.08 15.02 -22.01
C GLN D 80 -46.96 14.02 -21.75
N CYS D 81 -46.66 13.17 -22.74
CA CYS D 81 -45.61 12.13 -22.60
C CYS D 81 -44.32 12.76 -22.06
N ASP D 82 -44.02 13.92 -22.64
CA ASP D 82 -42.97 14.83 -22.21
C ASP D 82 -42.87 15.07 -20.68
N ASP D 83 -43.98 14.96 -19.95
CA ASP D 83 -43.99 15.27 -18.51
C ASP D 83 -43.45 14.14 -17.61
N ALA D 84 -43.06 13.02 -18.20
CA ALA D 84 -42.48 11.91 -17.46
C ALA D 84 -41.21 12.35 -16.77
N ALA D 85 -41.28 12.49 -15.46
CA ALA D 85 -40.19 13.06 -14.68
C ALA D 85 -40.55 13.01 -13.20
N THR D 86 -39.59 13.41 -12.39
CA THR D 86 -39.76 13.46 -10.95
C THR D 86 -39.82 14.91 -10.51
N TYR D 87 -40.77 15.22 -9.64
CA TYR D 87 -41.05 16.60 -9.25
C TYR D 87 -40.78 16.80 -7.76
N TYR D 88 -40.14 17.94 -7.45
CA TYR D 88 -39.75 18.29 -6.10
C TYR D 88 -40.30 19.64 -5.66
N CYS D 89 -40.95 19.70 -4.51
CA CYS D 89 -41.24 20.99 -3.89
C CYS D 89 -40.00 21.40 -3.07
N LEU D 90 -39.79 22.71 -2.91
CA LEU D 90 -38.67 23.22 -2.12
C LEU D 90 -39.15 24.38 -1.25
N GLY D 91 -38.96 24.26 0.06
CA GLY D 91 -39.50 25.21 1.01
C GLY D 91 -38.42 25.96 1.77
N TYR D 92 -38.71 27.21 2.09
CA TYR D 92 -37.87 28.01 2.97
C TYR D 92 -38.45 27.90 4.37
N PHE D 93 -37.59 27.91 5.37
CA PHE D 93 -38.00 27.83 6.76
C PHE D 93 -37.14 28.77 7.57
N ASP D 94 -37.54 28.98 8.83
CA ASP D 94 -36.77 29.80 9.74
C ASP D 94 -35.51 29.03 10.14
N CYS D 95 -34.35 29.51 9.70
CA CYS D 95 -33.08 28.99 10.19
C CYS D 95 -33.12 29.20 11.70
N SER D 96 -32.96 28.12 12.45
CA SER D 96 -33.08 28.13 13.92
C SER D 96 -34.34 27.41 14.41
N ILE D 97 -35.31 27.20 13.54
CA ILE D 97 -36.40 26.28 13.83
C ILE D 97 -36.08 24.93 13.15
N ALA D 98 -35.46 25.01 11.97
CA ALA D 98 -35.12 23.83 11.17
C ALA D 98 -34.09 24.27 10.11
N ASP D 99 -33.80 23.41 9.15
CA ASP D 99 -32.91 23.78 8.06
C ASP D 99 -33.52 24.95 7.29
N CYS D 100 -32.67 25.87 6.82
CA CYS D 100 -33.13 27.05 6.06
C CYS D 100 -33.93 26.67 4.80
N VAL D 101 -33.50 25.59 4.16
CA VAL D 101 -34.06 25.15 2.91
C VAL D 101 -34.23 23.63 2.98
N ALA D 102 -35.26 23.10 2.33
CA ALA D 102 -35.51 21.66 2.33
C ALA D 102 -36.30 21.25 1.10
N PHE D 103 -35.82 20.20 0.42
CA PHE D 103 -36.57 19.55 -0.64
C PHE D 103 -37.51 18.54 -0.02
N GLY D 104 -38.63 18.28 -0.68
CA GLY D 104 -39.43 17.09 -0.42
C GLY D 104 -38.80 15.89 -1.10
N GLY D 105 -39.34 14.70 -0.84
CA GLY D 105 -38.71 13.45 -1.26
C GLY D 105 -38.73 13.14 -2.75
N GLY D 106 -39.59 13.82 -3.50
CA GLY D 106 -39.70 13.59 -4.94
C GLY D 106 -40.88 12.72 -5.31
N THR D 107 -41.66 13.16 -6.29
CA THR D 107 -42.77 12.36 -6.83
C THR D 107 -42.57 12.15 -8.33
N GLU D 108 -42.52 10.88 -8.74
CA GLU D 108 -42.32 10.55 -10.13
C GLU D 108 -43.65 10.43 -10.84
N VAL D 109 -43.74 10.98 -12.05
CA VAL D 109 -44.93 10.82 -12.88
C VAL D 109 -44.68 9.81 -14.00
N VAL D 110 -45.54 8.80 -14.06
CA VAL D 110 -45.50 7.78 -15.12
C VAL D 110 -46.67 8.03 -16.05
N VAL D 111 -46.40 8.10 -17.35
CA VAL D 111 -47.44 8.31 -18.35
C VAL D 111 -48.08 6.97 -18.72
N LYS D 112 -49.38 6.86 -18.54
CA LYS D 112 -50.10 5.66 -18.97
C LYS D 112 -50.17 5.59 -20.49
N ARG D 113 -50.40 4.39 -20.98
CA ARG D 113 -50.21 4.07 -22.37
C ARG D 113 -50.84 2.71 -22.57
N THR D 114 -51.24 2.39 -23.79
CA THR D 114 -51.80 1.07 -24.07
C THR D 114 -50.74 0.00 -23.86
N VAL D 115 -51.17 -1.21 -23.52
CA VAL D 115 -50.26 -2.32 -23.26
C VAL D 115 -49.48 -2.62 -24.53
N ALA D 116 -48.16 -2.76 -24.38
CA ALA D 116 -47.28 -3.11 -25.48
C ALA D 116 -46.38 -4.24 -25.05
N ALA D 117 -46.43 -5.34 -25.81
CA ALA D 117 -45.58 -6.48 -25.53
C ALA D 117 -44.15 -6.16 -25.97
N PRO D 118 -43.17 -6.75 -25.28
CA PRO D 118 -41.78 -6.55 -25.63
C PRO D 118 -41.36 -7.37 -26.86
N SER D 119 -40.42 -6.84 -27.63
CA SER D 119 -39.71 -7.60 -28.64
C SER D 119 -38.46 -8.17 -27.99
N VAL D 120 -38.27 -9.48 -28.09
CA VAL D 120 -37.21 -10.15 -27.38
C VAL D 120 -36.08 -10.53 -28.32
N PHE D 121 -34.85 -10.31 -27.85
CA PHE D 121 -33.66 -10.70 -28.59
C PHE D 121 -32.70 -11.34 -27.62
N ILE D 122 -31.89 -12.28 -28.11
CA ILE D 122 -30.87 -12.90 -27.28
C ILE D 122 -29.52 -12.73 -27.99
N PHE D 123 -28.46 -12.62 -27.20
CA PHE D 123 -27.12 -12.42 -27.72
C PHE D 123 -26.15 -13.38 -27.06
N PRO D 124 -25.34 -14.08 -27.87
CA PRO D 124 -24.33 -14.94 -27.28
C PRO D 124 -23.10 -14.14 -26.84
N PRO D 125 -22.19 -14.76 -26.07
CA PRO D 125 -20.96 -14.07 -25.73
C PRO D 125 -20.10 -13.91 -26.98
N SER D 126 -19.38 -12.81 -27.06
CA SER D 126 -18.43 -12.61 -28.16
C SER D 126 -17.20 -13.51 -27.97
N ASP D 127 -16.62 -13.98 -29.08
CA ASP D 127 -15.35 -14.73 -29.03
C ASP D 127 -14.25 -13.90 -28.39
N GLU D 128 -14.29 -12.59 -28.64
CA GLU D 128 -13.37 -11.64 -28.04
C GLU D 128 -13.42 -11.69 -26.51
N GLN D 129 -14.62 -11.86 -25.97
CA GLN D 129 -14.80 -11.94 -24.52
C GLN D 129 -14.38 -13.30 -23.99
N LEU D 130 -14.74 -14.36 -24.71
CA LEU D 130 -14.41 -15.71 -24.30
C LEU D 130 -12.90 -15.92 -24.08
N LYS D 131 -12.08 -15.16 -24.81
CA LYS D 131 -10.62 -15.15 -24.57
C LYS D 131 -10.31 -14.84 -23.12
N SER D 132 -11.12 -13.97 -22.54
CA SER D 132 -10.90 -13.46 -21.19
C SER D 132 -11.44 -14.37 -20.08
N GLY D 133 -11.90 -15.57 -20.42
CA GLY D 133 -12.24 -16.58 -19.42
C GLY D 133 -13.61 -16.44 -18.76
N THR D 134 -14.38 -15.44 -19.17
CA THR D 134 -15.72 -15.22 -18.63
C THR D 134 -16.68 -15.01 -19.77
N ALA D 135 -17.91 -15.47 -19.60
CA ALA D 135 -18.93 -15.42 -20.64
C ALA D 135 -20.21 -14.73 -20.15
N SER D 136 -20.60 -13.65 -20.83
CA SER D 136 -21.86 -12.97 -20.59
C SER D 136 -22.82 -13.31 -21.71
N VAL D 137 -24.00 -13.78 -21.35
CA VAL D 137 -25.10 -13.94 -22.29
C VAL D 137 -26.14 -12.87 -21.96
N VAL D 138 -26.61 -12.16 -22.98
CA VAL D 138 -27.50 -11.03 -22.79
C VAL D 138 -28.83 -11.25 -23.49
N CYS D 139 -29.89 -10.80 -22.83
CA CYS D 139 -31.24 -10.87 -23.35
C CYS D 139 -31.86 -9.48 -23.29
N LEU D 140 -32.46 -9.05 -24.40
CA LEU D 140 -33.02 -7.71 -24.53
C LEU D 140 -34.55 -7.76 -24.69
N LEU D 141 -35.28 -7.12 -23.77
CA LEU D 141 -36.71 -6.91 -23.90
C LEU D 141 -36.87 -5.48 -24.36
N ASN D 142 -37.49 -5.27 -25.51
CA ASN D 142 -37.53 -3.95 -26.14
C ASN D 142 -38.92 -3.31 -26.21
N ASN D 143 -38.99 -2.04 -25.78
CA ASN D 143 -40.17 -1.20 -25.90
C ASN D 143 -41.49 -1.84 -25.46
N PHE D 144 -41.60 -2.14 -24.18
CA PHE D 144 -42.80 -2.71 -23.60
C PHE D 144 -43.45 -1.78 -22.56
N TYR D 145 -44.69 -2.05 -22.24
CA TYR D 145 -45.42 -1.36 -21.18
C TYR D 145 -46.53 -2.33 -20.75
N PRO D 146 -46.84 -2.44 -19.44
CA PRO D 146 -46.58 -1.63 -18.24
C PRO D 146 -45.29 -1.82 -17.42
N ARG D 147 -44.38 -2.67 -17.87
CA ARG D 147 -43.03 -2.81 -17.23
C ARG D 147 -42.89 -3.87 -16.14
N GLU D 148 -44.00 -4.42 -15.63
CA GLU D 148 -43.94 -5.74 -14.99
C GLU D 148 -43.36 -6.68 -16.05
N ALA D 149 -42.27 -7.37 -15.73
CA ALA D 149 -41.70 -8.35 -16.66
C ALA D 149 -40.96 -9.44 -15.90
N LYS D 150 -41.09 -10.68 -16.35
CA LYS D 150 -40.36 -11.79 -15.78
C LYS D 150 -39.40 -12.33 -16.83
N VAL D 151 -38.10 -12.34 -16.48
CA VAL D 151 -37.08 -12.92 -17.33
C VAL D 151 -36.56 -14.17 -16.66
N GLN D 152 -36.63 -15.31 -17.35
CA GLN D 152 -36.11 -16.57 -16.84
C GLN D 152 -35.02 -17.09 -17.76
N TRP D 153 -33.83 -17.32 -17.19
CA TRP D 153 -32.72 -17.88 -17.92
C TRP D 153 -32.72 -19.40 -17.79
N LYS D 154 -32.49 -20.09 -18.91
CA LYS D 154 -32.40 -21.55 -18.92
C LYS D 154 -31.17 -22.01 -19.72
N VAL D 155 -30.36 -22.85 -19.09
CA VAL D 155 -29.23 -23.49 -19.76
C VAL D 155 -29.43 -25.01 -19.72
N ASP D 156 -29.43 -25.62 -20.91
CA ASP D 156 -29.82 -27.03 -21.06
C ASP D 156 -31.05 -27.38 -20.20
N ASN D 157 -32.08 -26.54 -20.28
CA ASN D 157 -33.34 -26.69 -19.52
C ASN D 157 -33.26 -26.49 -18.01
N ALA D 158 -32.07 -26.22 -17.49
CA ALA D 158 -31.92 -25.95 -16.07
C ALA D 158 -32.16 -24.47 -15.81
N LEU D 159 -33.12 -24.19 -14.94
CA LEU D 159 -33.46 -22.83 -14.56
C LEU D 159 -32.31 -22.23 -13.78
N GLN D 160 -31.85 -21.05 -14.19
CA GLN D 160 -30.76 -20.37 -13.49
C GLN D 160 -31.37 -19.49 -12.42
N SER D 161 -30.68 -19.41 -11.28
CA SER D 161 -31.19 -18.64 -10.15
C SER D 161 -30.03 -18.03 -9.41
N GLY D 162 -29.90 -16.72 -9.49
CA GLY D 162 -28.94 -16.00 -8.70
C GLY D 162 -27.62 -15.73 -9.38
N ASN D 163 -27.54 -15.95 -10.70
CA ASN D 163 -26.33 -15.64 -11.47
C ASN D 163 -26.60 -14.75 -12.70
N SER D 164 -27.58 -13.85 -12.56
CA SER D 164 -27.93 -12.87 -13.58
C SER D 164 -28.34 -11.52 -12.98
N GLN D 165 -28.18 -10.45 -13.75
CA GLN D 165 -28.63 -9.11 -13.32
C GLN D 165 -29.47 -8.42 -14.38
N GLU D 166 -30.49 -7.70 -13.93
CA GLU D 166 -31.41 -6.97 -14.80
C GLU D 166 -31.19 -5.46 -14.68
N SER D 167 -31.49 -4.74 -15.75
CA SER D 167 -31.48 -3.29 -15.73
C SER D 167 -32.58 -2.80 -16.65
N VAL D 168 -33.33 -1.81 -16.18
CA VAL D 168 -34.46 -1.26 -16.93
C VAL D 168 -34.20 0.22 -17.18
N THR D 169 -34.66 0.70 -18.34
CA THR D 169 -34.52 2.11 -18.70
C THR D 169 -35.60 2.97 -18.07
N GLU D 170 -35.38 4.28 -18.10
CA GLU D 170 -36.39 5.28 -17.75
C GLU D 170 -37.52 5.17 -18.75
N GLN D 171 -38.72 5.60 -18.37
CA GLN D 171 -39.84 5.58 -19.30
C GLN D 171 -39.54 6.48 -20.50
N ASP D 172 -39.72 5.96 -21.69
CA ASP D 172 -39.38 6.71 -22.90
C ASP D 172 -40.23 7.97 -23.03
N SER D 173 -39.59 9.08 -23.38
CA SER D 173 -40.26 10.37 -23.51
C SER D 173 -41.20 10.42 -24.71
N LYS D 174 -40.92 9.62 -25.74
CA LYS D 174 -41.64 9.69 -27.00
C LYS D 174 -42.79 8.68 -27.17
N ASP D 175 -42.57 7.41 -26.81
CA ASP D 175 -43.62 6.37 -26.89
C ASP D 175 -44.05 5.75 -25.54
N SER D 176 -43.48 6.27 -24.44
CA SER D 176 -43.86 5.86 -23.07
C SER D 176 -43.59 4.40 -22.70
N THR D 177 -42.70 3.72 -23.45
CA THR D 177 -42.36 2.33 -23.19
C THR D 177 -41.10 2.21 -22.34
N TYR D 178 -40.85 0.99 -21.87
CA TYR D 178 -39.64 0.63 -21.16
C TYR D 178 -38.90 -0.44 -21.95
N SER D 179 -37.60 -0.51 -21.72
CA SER D 179 -36.77 -1.58 -22.24
C SER D 179 -35.93 -2.13 -21.10
N LEU D 180 -35.51 -3.38 -21.25
CA LEU D 180 -34.86 -4.11 -20.19
C LEU D 180 -33.77 -5.01 -20.76
N SER D 181 -32.65 -5.12 -20.05
CA SER D 181 -31.57 -6.00 -20.47
C SER D 181 -31.12 -6.83 -19.28
N SER D 182 -30.92 -8.12 -19.53
CA SER D 182 -30.58 -9.10 -18.51
C SER D 182 -29.28 -9.78 -18.90
N THR D 183 -28.32 -9.82 -18.00
CA THR D 183 -27.05 -10.47 -18.28
C THR D 183 -26.90 -11.69 -17.38
N LEU D 184 -26.95 -12.86 -18.00
CA LEU D 184 -26.52 -14.09 -17.36
C LEU D 184 -25.02 -14.14 -17.43
N THR D 185 -24.36 -14.36 -16.30
CA THR D 185 -22.90 -14.44 -16.27
C THR D 185 -22.44 -15.86 -15.93
N LEU D 186 -21.64 -16.44 -16.82
CA LEU D 186 -21.10 -17.79 -16.63
C LEU D 186 -19.58 -17.81 -16.73
N SER D 187 -19.00 -18.85 -16.15
CA SER D 187 -17.62 -19.20 -16.36
C SER D 187 -17.48 -19.65 -17.82
N LYS D 188 -16.31 -19.44 -18.42
CA LYS D 188 -16.07 -19.93 -19.78
C LYS D 188 -16.15 -21.45 -19.81
N ALA D 189 -15.58 -22.07 -18.79
CA ALA D 189 -15.60 -23.52 -18.66
C ALA D 189 -17.03 -24.01 -18.61
N ASP D 190 -17.87 -23.30 -17.85
CA ASP D 190 -19.27 -23.66 -17.73
C ASP D 190 -20.04 -23.44 -19.02
N TYR D 191 -19.68 -22.39 -19.76
CA TYR D 191 -20.34 -22.08 -21.02
C TYR D 191 -20.04 -23.11 -22.10
N GLU D 192 -18.78 -23.52 -22.22
CA GLU D 192 -18.40 -24.51 -23.24
C GLU D 192 -18.91 -25.92 -22.90
N LYS D 193 -19.41 -26.09 -21.69
CA LYS D 193 -19.88 -27.39 -21.21
C LYS D 193 -21.35 -27.64 -21.56
N HIS D 194 -22.09 -26.59 -21.91
CA HIS D 194 -23.53 -26.71 -22.24
C HIS D 194 -23.80 -26.24 -23.66
N LYS D 195 -24.96 -26.63 -24.20
CA LYS D 195 -25.29 -26.37 -25.60
C LYS D 195 -26.31 -25.25 -25.79
N VAL D 196 -27.52 -25.44 -25.27
CA VAL D 196 -28.64 -24.55 -25.58
C VAL D 196 -28.88 -23.54 -24.47
N TYR D 197 -28.95 -22.26 -24.87
CA TYR D 197 -29.16 -21.13 -23.97
C TYR D 197 -30.44 -20.40 -24.33
N ALA D 198 -31.32 -20.21 -23.35
CA ALA D 198 -32.64 -19.66 -23.61
C ALA D 198 -33.02 -18.52 -22.67
N CYS D 199 -33.72 -17.54 -23.21
CA CYS D 199 -34.26 -16.42 -22.45
C CYS D 199 -35.79 -16.51 -22.56
N GLU D 200 -36.48 -16.69 -21.43
CA GLU D 200 -37.94 -16.80 -21.44
C GLU D 200 -38.61 -15.61 -20.78
N VAL D 201 -39.52 -14.97 -21.51
CA VAL D 201 -40.11 -13.71 -21.09
C VAL D 201 -41.60 -13.83 -20.84
N THR D 202 -42.03 -13.30 -19.69
CA THR D 202 -43.43 -13.21 -19.34
C THR D 202 -43.83 -11.74 -19.17
N HIS D 203 -44.97 -11.38 -19.74
CA HIS D 203 -45.45 -10.00 -19.79
C HIS D 203 -46.90 -10.01 -20.22
N GLN D 204 -47.73 -9.09 -19.72
CA GLN D 204 -49.11 -8.97 -20.24
C GLN D 204 -49.04 -8.34 -21.62
N GLY D 205 -49.94 -8.72 -22.52
CA GLY D 205 -49.74 -8.37 -23.93
C GLY D 205 -49.01 -9.47 -24.67
N LEU D 206 -48.38 -10.38 -23.92
CA LEU D 206 -48.00 -11.68 -24.42
C LEU D 206 -49.01 -12.66 -23.85
N SER D 207 -49.79 -13.31 -24.73
CA SER D 207 -50.81 -14.28 -24.32
C SER D 207 -50.17 -15.44 -23.57
N SER D 208 -49.07 -15.96 -24.11
CA SER D 208 -48.26 -16.95 -23.39
C SER D 208 -46.78 -16.60 -23.55
N PRO D 209 -45.95 -17.02 -22.57
CA PRO D 209 -44.53 -16.65 -22.53
C PRO D 209 -43.78 -16.86 -23.84
N VAL D 210 -42.84 -15.96 -24.15
CA VAL D 210 -42.03 -16.06 -25.35
C VAL D 210 -40.62 -16.50 -24.96
N THR D 211 -40.08 -17.47 -25.69
CA THR D 211 -38.72 -17.96 -25.48
C THR D 211 -37.83 -17.69 -26.68
N LYS D 212 -36.75 -16.96 -26.47
CA LYS D 212 -35.71 -16.81 -27.49
C LYS D 212 -34.49 -17.58 -27.04
N SER D 213 -33.88 -18.35 -27.94
CA SER D 213 -32.75 -19.20 -27.57
C SER D 213 -31.73 -19.40 -28.68
N PHE D 214 -30.56 -19.92 -28.31
CA PHE D 214 -29.54 -20.30 -29.27
C PHE D 214 -28.76 -21.53 -28.78
N ASN D 215 -28.26 -22.32 -29.72
CA ASN D 215 -27.33 -23.40 -29.41
C ASN D 215 -25.90 -22.92 -29.64
N ARG D 216 -25.04 -23.01 -28.63
CA ARG D 216 -23.66 -22.58 -28.78
C ARG D 216 -22.92 -23.48 -29.77
N GLY D 217 -22.28 -22.85 -30.76
CA GLY D 217 -21.57 -23.55 -31.82
C GLY D 217 -22.32 -23.55 -33.15
N GLU D 218 -23.27 -22.63 -33.30
CA GLU D 218 -24.16 -22.63 -34.46
C GLU D 218 -24.56 -21.21 -34.83
N GLN E 1 48.31 -19.21 -6.31
CA GLN E 1 47.50 -18.46 -5.30
C GLN E 1 46.03 -18.88 -5.34
N SER E 2 45.68 -19.91 -4.57
CA SER E 2 44.28 -20.38 -4.48
C SER E 2 44.03 -21.14 -3.18
N VAL E 3 42.75 -21.23 -2.80
CA VAL E 3 42.36 -22.01 -1.62
C VAL E 3 41.20 -22.91 -1.96
N GLU E 4 41.00 -23.95 -1.15
CA GLU E 4 39.84 -24.80 -1.29
C GLU E 4 39.19 -25.10 0.06
N GLU E 5 37.87 -25.10 0.06
CA GLU E 5 37.08 -25.37 1.26
C GLU E 5 36.58 -26.82 1.25
N SER E 6 36.49 -27.41 2.43
CA SER E 6 35.95 -28.77 2.58
C SER E 6 35.27 -28.95 3.95
N GLY E 7 34.47 -30.02 4.06
CA GLY E 7 33.76 -30.35 5.31
C GLY E 7 32.26 -30.07 5.26
N GLY E 8 31.81 -29.31 4.26
CA GLY E 8 30.41 -29.00 4.14
C GLY E 8 29.61 -30.25 3.94
N ARG E 9 28.57 -30.43 4.74
CA ARG E 9 27.70 -31.60 4.64
C ARG E 9 26.37 -31.31 5.28
N LEU E 10 25.52 -32.33 5.40
CA LEU E 10 24.19 -32.20 5.99
C LEU E 10 24.21 -32.56 7.47
N VAL E 11 23.66 -31.70 8.30
CA VAL E 11 23.45 -31.97 9.71
C VAL E 11 22.09 -31.41 10.15
N THR E 12 21.59 -31.86 11.29
CA THR E 12 20.34 -31.31 11.84
C THR E 12 20.66 -30.12 12.73
N PRO E 13 19.66 -29.23 12.95
CA PRO E 13 19.90 -28.10 13.82
C PRO E 13 20.51 -28.51 15.16
N GLY E 14 21.62 -27.88 15.51
CA GLY E 14 22.24 -28.09 16.80
C GLY E 14 23.50 -28.93 16.72
N THR E 15 23.72 -29.62 15.61
CA THR E 15 24.85 -30.54 15.50
C THR E 15 26.13 -29.80 15.09
N PRO E 16 27.18 -29.85 15.94
CA PRO E 16 28.46 -29.23 15.60
C PRO E 16 29.04 -29.72 14.28
N LEU E 17 29.81 -28.87 13.62
CA LEU E 17 30.26 -29.13 12.26
C LEU E 17 31.45 -28.23 11.99
N THR E 18 32.53 -28.80 11.46
CA THR E 18 33.76 -28.05 11.24
C THR E 18 34.08 -28.01 9.77
N LEU E 19 34.33 -26.82 9.25
CA LEU E 19 34.76 -26.65 7.87
C LEU E 19 36.26 -26.38 7.87
N THR E 20 36.97 -26.94 6.90
CA THR E 20 38.41 -26.77 6.81
C THR E 20 38.75 -26.04 5.51
N CYS E 21 39.70 -25.11 5.60
CA CYS E 21 40.22 -24.41 4.44
C CYS E 21 41.69 -24.75 4.21
N THR E 22 41.99 -25.22 3.00
CA THR E 22 43.35 -25.60 2.62
C THR E 22 43.93 -24.51 1.73
N VAL E 23 45.14 -24.06 2.07
CA VAL E 23 45.78 -22.94 1.38
C VAL E 23 46.85 -23.43 0.41
N SER E 24 46.83 -22.88 -0.80
CA SER E 24 47.78 -23.29 -1.85
C SER E 24 48.36 -22.09 -2.62
N GLY E 25 49.66 -21.84 -2.43
CA GLY E 25 50.37 -20.78 -3.15
C GLY E 25 50.78 -19.58 -2.32
N PHE E 26 50.45 -19.58 -1.03
CA PHE E 26 50.90 -18.55 -0.08
C PHE E 26 50.88 -19.11 1.34
N SER E 27 51.25 -18.31 2.34
CA SER E 27 51.41 -18.84 3.70
C SER E 27 50.62 -18.07 4.78
N LEU E 28 50.10 -18.83 5.76
CA LEU E 28 49.37 -18.28 6.91
C LEU E 28 50.29 -17.62 7.92
N SER E 29 51.60 -17.79 7.71
CA SER E 29 52.61 -17.07 8.47
C SER E 29 52.54 -15.57 8.18
N SER E 30 52.03 -15.23 7.00
CA SER E 30 52.00 -13.85 6.54
C SER E 30 50.76 -13.51 5.71
N ASN E 31 49.66 -14.27 5.89
CA ASN E 31 48.37 -13.94 5.28
C ASN E 31 47.19 -14.26 6.20
N ALA E 32 46.21 -13.37 6.23
CA ALA E 32 44.99 -13.59 6.98
C ALA E 32 43.98 -14.35 6.13
N ILE E 33 43.03 -15.00 6.77
CA ILE E 33 42.02 -15.79 6.06
C ILE E 33 40.62 -15.47 6.56
N ASN E 34 39.78 -15.00 5.64
CA ASN E 34 38.38 -14.67 5.93
C ASN E 34 37.43 -15.83 5.62
N TRP E 35 36.35 -15.92 6.39
CA TRP E 35 35.24 -16.80 6.06
C TRP E 35 34.06 -15.94 5.68
N VAL E 36 33.48 -16.24 4.53
CA VAL E 36 32.33 -15.53 3.97
C VAL E 36 31.30 -16.60 3.63
N ARG E 37 30.04 -16.23 3.51
CA ARG E 37 29.01 -17.21 3.13
C ARG E 37 27.85 -16.60 2.40
N GLN E 38 26.98 -17.48 1.93
CA GLN E 38 25.85 -17.11 1.12
C GLN E 38 24.76 -18.18 1.19
N ALA E 39 23.54 -17.78 1.57
CA ALA E 39 22.38 -18.66 1.47
C ALA E 39 21.89 -18.71 0.02
N PRO E 40 21.18 -19.78 -0.37
CA PRO E 40 20.64 -19.83 -1.74
C PRO E 40 19.84 -18.58 -2.10
N GLY E 41 20.19 -17.98 -3.25
CA GLY E 41 19.49 -16.81 -3.76
C GLY E 41 19.56 -15.56 -2.89
N LYS E 42 20.62 -15.41 -2.10
CA LYS E 42 20.76 -14.29 -1.17
C LYS E 42 22.18 -13.71 -1.18
N GLY E 43 22.38 -12.60 -0.46
CA GLY E 43 23.63 -11.86 -0.51
C GLY E 43 24.84 -12.54 0.11
N LEU E 44 26.02 -11.95 -0.10
CA LEU E 44 27.23 -12.39 0.56
C LEU E 44 27.28 -11.84 2.00
N GLU E 45 27.75 -12.66 2.94
CA GLU E 45 27.86 -12.25 4.35
C GLU E 45 29.22 -12.57 4.90
N TRP E 46 29.82 -11.62 5.58
CA TRP E 46 31.13 -11.82 6.17
C TRP E 46 30.94 -12.34 7.58
N ILE E 47 31.66 -13.42 7.89
CA ILE E 47 31.54 -14.14 9.16
C ILE E 47 32.66 -13.77 10.12
N GLY E 48 33.89 -13.85 9.64
CA GLY E 48 35.04 -13.53 10.49
C GLY E 48 36.36 -13.67 9.77
N TYR E 49 37.44 -13.59 10.54
CA TYR E 49 38.78 -13.83 9.98
C TYR E 49 39.79 -14.09 11.08
N ILE E 50 40.83 -14.85 10.72
CA ILE E 50 41.95 -15.08 11.62
C ILE E 50 43.15 -14.29 11.10
N ALA E 51 43.77 -13.55 11.99
CA ALA E 51 44.91 -12.69 11.66
C ALA E 51 46.18 -13.53 11.61
N VAL E 52 47.20 -13.00 10.93
CA VAL E 52 48.50 -13.68 10.88
C VAL E 52 49.03 -13.90 12.30
N SER E 53 48.74 -12.95 13.19
CA SER E 53 49.16 -13.07 14.59
C SER E 53 48.48 -14.22 15.34
N GLY E 54 47.36 -14.72 14.82
CA GLY E 54 46.58 -15.76 15.50
C GLY E 54 45.28 -15.24 16.10
N ASN E 55 45.23 -13.92 16.36
CA ASN E 55 44.01 -13.26 16.84
C ASN E 55 42.84 -13.41 15.88
N THR E 56 41.63 -13.44 16.44
CA THR E 56 40.44 -13.77 15.66
C THR E 56 39.36 -12.69 15.82
N TYR E 57 38.62 -12.43 14.75
CA TYR E 57 37.53 -11.44 14.77
C TYR E 57 36.28 -11.98 14.10
N TYR E 58 35.12 -11.59 14.65
CA TYR E 58 33.82 -12.05 14.17
C TYR E 58 32.82 -10.89 13.97
N ALA E 59 31.95 -11.04 12.99
CA ALA E 59 30.78 -10.19 12.87
C ALA E 59 29.96 -10.38 14.15
N SER E 60 29.30 -9.33 14.61
CA SER E 60 28.53 -9.38 15.85
C SER E 60 27.48 -10.49 15.85
N TRP E 61 26.83 -10.71 14.71
CA TRP E 61 25.81 -11.76 14.59
C TRP E 61 26.37 -13.16 14.71
N ALA E 62 27.66 -13.31 14.41
CA ALA E 62 28.35 -14.60 14.39
C ALA E 62 29.06 -14.91 15.70
N LYS E 63 29.32 -13.88 16.50
CA LYS E 63 30.07 -14.02 17.75
C LYS E 63 29.47 -15.12 18.62
N GLY E 64 30.26 -16.15 18.90
CA GLY E 64 29.82 -17.26 19.74
C GLY E 64 29.27 -18.43 18.95
N ARG E 65 28.59 -18.14 17.84
CA ARG E 65 28.09 -19.19 16.95
C ARG E 65 29.21 -19.83 16.11
N PHE E 66 30.30 -19.10 15.90
CA PHE E 66 31.41 -19.54 15.06
C PHE E 66 32.76 -19.33 15.74
N THR E 67 33.69 -20.27 15.56
CA THR E 67 35.05 -20.14 16.09
C THR E 67 36.04 -20.44 15.00
N ILE E 68 37.03 -19.58 14.81
CA ILE E 68 38.07 -19.82 13.84
C ILE E 68 39.35 -20.18 14.58
N SER E 69 40.12 -21.11 14.02
CA SER E 69 41.46 -21.40 14.48
C SER E 69 42.24 -21.93 13.27
N LYS E 70 43.56 -22.00 13.37
CA LYS E 70 44.36 -22.34 12.20
C LYS E 70 45.52 -23.30 12.43
N ALA E 71 45.95 -23.91 11.33
CA ALA E 71 47.07 -24.83 11.30
C ALA E 71 48.10 -24.27 10.34
N SER E 72 49.09 -25.07 9.99
CA SER E 72 50.15 -24.60 9.12
C SER E 72 49.61 -24.16 7.78
N THR E 73 48.76 -24.99 7.18
CA THR E 73 48.10 -24.62 5.94
C THR E 73 46.59 -24.75 6.04
N THR E 74 46.11 -25.02 7.25
CA THR E 74 44.71 -25.31 7.46
C THR E 74 44.03 -24.34 8.41
N VAL E 75 42.90 -23.78 7.97
CA VAL E 75 42.09 -22.95 8.85
C VAL E 75 40.71 -23.57 9.04
N ASP E 76 40.33 -23.73 10.30
CA ASP E 76 39.05 -24.31 10.66
C ASP E 76 37.98 -23.23 10.87
N LEU E 77 36.74 -23.55 10.47
CA LEU E 77 35.56 -22.78 10.88
C LEU E 77 34.58 -23.71 11.59
N LYS E 78 34.63 -23.70 12.92
CA LYS E 78 33.77 -24.55 13.73
C LYS E 78 32.43 -23.86 14.02
N MET E 79 31.34 -24.48 13.57
CA MET E 79 30.00 -23.99 13.78
C MET E 79 29.40 -24.68 15.00
N THR E 80 29.28 -23.95 16.11
CA THR E 80 28.99 -24.55 17.43
C THR E 80 27.54 -25.04 17.58
N SER E 81 26.58 -24.26 17.10
CA SER E 81 25.17 -24.64 17.21
C SER E 81 24.37 -24.22 15.96
N PRO E 82 24.40 -25.02 14.90
CA PRO E 82 23.82 -24.57 13.62
C PRO E 82 22.29 -24.56 13.55
N THR E 83 21.76 -23.67 12.71
CA THR E 83 20.33 -23.48 12.51
C THR E 83 20.02 -23.57 11.01
N ALA E 84 18.76 -23.81 10.67
CA ALA E 84 18.31 -23.81 9.26
C ALA E 84 18.81 -22.58 8.49
N GLU E 85 18.90 -21.48 9.21
CA GLU E 85 19.39 -20.22 8.71
C GLU E 85 20.86 -20.26 8.23
N ASP E 86 21.63 -21.23 8.69
CA ASP E 86 23.05 -21.34 8.31
C ASP E 86 23.27 -22.19 7.06
N THR E 87 22.18 -22.67 6.46
CA THR E 87 22.29 -23.40 5.22
C THR E 87 22.84 -22.45 4.16
N GLY E 88 23.84 -22.90 3.41
CA GLY E 88 24.44 -22.07 2.38
C GLY E 88 25.82 -22.53 1.96
N THR E 89 26.43 -21.75 1.07
CA THR E 89 27.76 -22.01 0.58
C THR E 89 28.73 -21.15 1.37
N TYR E 90 29.83 -21.75 1.81
CA TYR E 90 30.79 -21.10 2.68
C TYR E 90 32.11 -20.93 1.93
N PHE E 91 32.60 -19.69 1.88
CA PHE E 91 33.82 -19.38 1.13
C PHE E 91 34.96 -18.98 2.03
N CYS E 92 36.14 -19.40 1.61
CA CYS E 92 37.38 -19.14 2.31
C CYS E 92 38.25 -18.27 1.42
N GLY E 93 39.08 -17.43 2.04
CA GLY E 93 40.13 -16.71 1.30
C GLY E 93 40.50 -15.32 1.77
N LYS E 94 40.98 -14.52 0.82
CA LYS E 94 41.39 -13.14 1.05
C LYS E 94 41.56 -12.38 -0.27
N SER E 95 41.31 -11.08 -0.27
CA SER E 95 41.56 -10.21 -1.41
C SER E 95 41.03 -10.78 -2.74
N ASN E 96 41.96 -11.03 -3.67
CA ASN E 96 41.67 -11.62 -4.98
C ASN E 96 41.25 -13.08 -4.94
N ILE E 97 41.69 -13.78 -3.89
CA ILE E 97 41.71 -15.23 -3.83
C ILE E 97 40.51 -15.81 -3.05
N TRP E 98 39.70 -16.61 -3.73
CA TRP E 98 38.50 -17.20 -3.13
C TRP E 98 38.22 -18.59 -3.68
N GLY E 99 38.06 -19.57 -2.79
CA GLY E 99 37.81 -20.94 -3.20
C GLY E 99 36.46 -21.13 -3.88
N PRO E 100 36.19 -22.34 -4.40
CA PRO E 100 34.91 -22.58 -5.06
C PRO E 100 33.73 -22.74 -4.07
N GLY E 101 34.05 -22.87 -2.79
CA GLY E 101 33.03 -22.92 -1.74
C GLY E 101 32.64 -24.33 -1.36
N THR E 102 32.22 -24.50 -0.11
CA THR E 102 31.72 -25.78 0.38
C THR E 102 30.28 -25.59 0.84
N LEU E 103 29.46 -26.59 0.57
CA LEU E 103 28.02 -26.51 0.80
C LEU E 103 27.63 -27.02 2.19
N VAL E 104 27.02 -26.16 3.00
CA VAL E 104 26.51 -26.57 4.30
C VAL E 104 25.00 -26.59 4.26
N THR E 105 24.41 -27.71 4.66
CA THR E 105 22.96 -27.83 4.75
C THR E 105 22.56 -28.21 6.17
N VAL E 106 21.57 -27.50 6.71
CA VAL E 106 21.05 -27.76 8.05
C VAL E 106 19.55 -27.94 7.97
N SER E 107 19.12 -29.19 8.13
CA SER E 107 17.76 -29.59 7.80
C SER E 107 17.33 -30.84 8.58
N LEU E 108 16.02 -31.13 8.53
CA LEU E 108 15.50 -32.39 9.04
C LEU E 108 15.26 -33.41 7.92
N ALA E 109 15.47 -33.00 6.67
CA ALA E 109 15.26 -33.90 5.54
C ALA E 109 16.41 -34.92 5.46
N SER E 110 16.13 -36.07 4.86
CA SER E 110 17.10 -37.17 4.77
C SER E 110 18.03 -37.02 3.58
N THR E 111 19.16 -37.73 3.63
CA THR E 111 20.04 -37.87 2.49
C THR E 111 19.41 -38.89 1.55
N LYS E 112 19.02 -38.41 0.38
CA LYS E 112 18.29 -39.22 -0.57
C LYS E 112 18.74 -38.89 -2.00
N GLY E 113 19.06 -39.92 -2.77
CA GLY E 113 19.42 -39.77 -4.18
C GLY E 113 18.18 -39.52 -5.04
N PRO E 114 18.37 -38.85 -6.19
CA PRO E 114 17.23 -38.46 -7.02
C PRO E 114 16.57 -39.60 -7.78
N SER E 115 15.32 -39.37 -8.19
CA SER E 115 14.67 -40.19 -9.18
C SER E 115 14.71 -39.44 -10.53
N VAL E 116 15.23 -40.10 -11.57
CA VAL E 116 15.44 -39.47 -12.89
C VAL E 116 14.43 -39.98 -13.91
N PHE E 117 13.64 -39.06 -14.47
CA PHE E 117 12.62 -39.40 -15.46
C PHE E 117 12.82 -38.61 -16.75
N PRO E 118 12.64 -39.25 -17.92
CA PRO E 118 12.89 -38.57 -19.17
C PRO E 118 11.73 -37.65 -19.55
N LEU E 119 12.05 -36.55 -20.22
CA LEU E 119 11.05 -35.63 -20.75
C LEU E 119 11.19 -35.63 -22.27
N ALA E 120 10.40 -36.48 -22.94
CA ALA E 120 10.60 -36.73 -24.38
C ALA E 120 9.61 -35.97 -25.27
N PRO E 121 10.01 -35.77 -26.52
CA PRO E 121 9.21 -35.05 -27.50
C PRO E 121 8.39 -36.02 -28.35
N THR E 130 14.36 -27.96 -34.71
CA THR E 130 14.37 -27.63 -33.29
C THR E 130 13.45 -28.55 -32.49
N ALA E 131 14.04 -29.41 -31.66
CA ALA E 131 13.28 -30.27 -30.73
C ALA E 131 13.81 -30.10 -29.30
N ALA E 132 12.93 -30.19 -28.31
CA ALA E 132 13.30 -30.04 -26.90
C ALA E 132 13.08 -31.34 -26.14
N LEU E 133 14.13 -31.80 -25.47
CA LEU E 133 14.03 -32.98 -24.59
C LEU E 133 14.71 -32.66 -23.24
N GLY E 134 14.64 -33.60 -22.30
CA GLY E 134 15.16 -33.33 -20.97
C GLY E 134 15.12 -34.47 -19.96
N CYS E 135 15.54 -34.12 -18.75
CA CYS E 135 15.59 -35.04 -17.64
C CYS E 135 15.04 -34.38 -16.42
N LEU E 136 14.24 -35.12 -15.66
CA LEU E 136 13.61 -34.62 -14.45
C LEU E 136 14.28 -35.28 -13.27
N VAL E 137 15.02 -34.48 -12.51
CA VAL E 137 15.78 -34.97 -11.37
C VAL E 137 14.99 -34.62 -10.11
N LYS E 138 14.30 -35.63 -9.57
CA LYS E 138 13.27 -35.38 -8.55
C LYS E 138 13.59 -36.01 -7.18
N ASP E 139 13.16 -35.32 -6.13
CA ASP E 139 13.21 -35.82 -4.76
C ASP E 139 14.60 -36.28 -4.33
N TYR E 140 15.53 -35.33 -4.30
CA TYR E 140 16.88 -35.56 -3.82
C TYR E 140 17.25 -34.54 -2.74
N PHE E 141 18.22 -34.91 -1.92
CA PHE E 141 18.62 -34.07 -0.81
C PHE E 141 19.87 -34.64 -0.15
N PRO E 142 20.82 -33.76 0.20
CA PRO E 142 20.83 -32.33 -0.07
C PRO E 142 21.32 -32.00 -1.50
N GLU E 143 21.57 -30.71 -1.75
CA GLU E 143 22.34 -30.28 -2.88
C GLU E 143 23.79 -30.73 -2.68
N PRO E 144 24.58 -30.84 -3.76
CA PRO E 144 24.24 -30.57 -5.15
C PRO E 144 23.98 -31.84 -5.93
N VAL E 145 23.27 -31.70 -7.05
CA VAL E 145 23.31 -32.69 -8.12
C VAL E 145 24.16 -32.13 -9.23
N THR E 146 24.68 -33.03 -10.05
CA THR E 146 25.45 -32.66 -11.22
C THR E 146 24.80 -33.34 -12.43
N VAL E 147 24.54 -32.56 -13.48
CA VAL E 147 23.91 -33.08 -14.68
C VAL E 147 24.78 -32.76 -15.89
N SER E 148 25.00 -33.77 -16.73
CA SER E 148 25.61 -33.56 -18.04
C SER E 148 24.88 -34.42 -19.06
N TRP E 149 25.14 -34.16 -20.33
CA TRP E 149 24.50 -34.87 -21.42
C TRP E 149 25.53 -35.56 -22.29
N ASN E 150 25.21 -36.80 -22.68
CA ASN E 150 26.10 -37.60 -23.51
C ASN E 150 27.53 -37.50 -23.00
N SER E 151 27.68 -37.72 -21.70
CA SER E 151 28.99 -37.75 -21.01
C SER E 151 29.88 -36.55 -21.31
N GLY E 152 29.27 -35.35 -21.36
CA GLY E 152 30.03 -34.11 -21.62
C GLY E 152 30.04 -33.65 -23.06
N ALA E 153 29.86 -34.58 -24.00
CA ALA E 153 29.86 -34.23 -25.43
C ALA E 153 28.83 -33.18 -25.81
N LEU E 154 27.71 -33.15 -25.08
CA LEU E 154 26.59 -32.25 -25.37
C LEU E 154 26.43 -31.15 -24.32
N THR E 155 26.84 -29.93 -24.66
CA THR E 155 26.74 -28.78 -23.74
C THR E 155 25.95 -27.58 -24.26
N SER E 156 25.97 -27.35 -25.58
CA SER E 156 25.27 -26.20 -26.16
C SER E 156 23.76 -26.41 -26.17
N GLY E 157 23.03 -25.33 -25.89
CA GLY E 157 21.58 -25.37 -25.78
C GLY E 157 21.03 -26.06 -24.52
N VAL E 158 21.89 -26.35 -23.55
CA VAL E 158 21.49 -27.01 -22.32
C VAL E 158 21.03 -25.99 -21.28
N HIS E 159 19.92 -26.26 -20.61
CA HIS E 159 19.49 -25.46 -19.47
C HIS E 159 19.22 -26.36 -18.29
N THR E 160 20.06 -26.27 -17.25
CA THR E 160 19.84 -27.00 -16.02
C THR E 160 19.33 -25.99 -15.03
N PHE E 161 18.06 -26.14 -14.66
CA PHE E 161 17.38 -25.12 -13.87
C PHE E 161 17.82 -25.16 -12.41
N PRO E 162 17.70 -24.03 -11.70
CA PRO E 162 17.91 -24.03 -10.26
C PRO E 162 16.90 -24.91 -9.54
N ALA E 163 17.38 -25.75 -8.65
CA ALA E 163 16.50 -26.64 -7.87
C ALA E 163 15.50 -25.84 -7.06
N VAL E 164 14.26 -26.28 -7.04
CA VAL E 164 13.26 -25.70 -6.14
C VAL E 164 12.99 -26.68 -5.01
N LEU E 165 12.95 -26.14 -3.81
CA LEU E 165 12.73 -26.94 -2.62
C LEU E 165 11.25 -27.29 -2.57
N GLN E 166 10.96 -28.58 -2.49
CA GLN E 166 9.58 -29.06 -2.43
C GLN E 166 9.05 -29.03 -1.01
N SER E 167 7.74 -29.19 -0.86
CA SER E 167 7.08 -29.17 0.44
C SER E 167 7.47 -30.39 1.28
N SER E 168 8.03 -31.40 0.64
CA SER E 168 8.66 -32.53 1.33
C SER E 168 9.99 -32.18 2.03
N GLY E 169 10.55 -31.01 1.73
CA GLY E 169 11.91 -30.65 2.17
C GLY E 169 13.01 -31.16 1.25
N LEU E 170 12.63 -31.77 0.13
CA LEU E 170 13.56 -32.29 -0.87
C LEU E 170 13.64 -31.36 -2.07
N TYR E 171 14.69 -31.55 -2.87
CA TYR E 171 14.88 -30.75 -4.08
C TYR E 171 14.41 -31.45 -5.34
N SER E 172 14.04 -30.66 -6.33
CA SER E 172 13.83 -31.13 -7.70
C SER E 172 14.24 -30.07 -8.71
N LEU E 173 14.83 -30.54 -9.81
CA LEU E 173 15.11 -29.68 -10.96
C LEU E 173 14.93 -30.47 -12.23
N SER E 174 14.89 -29.76 -13.34
CA SER E 174 14.92 -30.40 -14.64
C SER E 174 16.10 -29.86 -15.46
N SER E 175 16.72 -30.74 -16.22
CA SER E 175 17.76 -30.36 -17.16
C SER E 175 17.19 -30.55 -18.57
N VAL E 176 17.10 -29.45 -19.31
CA VAL E 176 16.51 -29.47 -20.64
C VAL E 176 17.54 -29.09 -21.70
N VAL E 177 17.31 -29.55 -22.93
CA VAL E 177 18.21 -29.25 -24.05
C VAL E 177 17.45 -29.27 -25.38
N THR E 178 17.71 -28.29 -26.22
CA THR E 178 17.12 -28.22 -27.55
C THR E 178 18.13 -28.72 -28.57
N VAL E 179 17.75 -29.71 -29.36
CA VAL E 179 18.62 -30.24 -30.41
C VAL E 179 17.96 -30.15 -31.79
N PRO E 180 18.78 -30.18 -32.86
CA PRO E 180 18.23 -30.33 -34.20
C PRO E 180 17.24 -31.49 -34.26
N SER E 181 16.05 -31.21 -34.78
CA SER E 181 14.93 -32.15 -34.76
C SER E 181 15.16 -33.39 -35.63
N SER E 182 16.03 -33.28 -36.62
CA SER E 182 16.35 -34.40 -37.50
C SER E 182 17.14 -35.53 -36.82
N SER E 183 16.60 -36.05 -35.72
CA SER E 183 17.27 -37.11 -34.95
C SER E 183 16.39 -37.64 -33.81
N LEU E 184 16.26 -38.96 -33.58
CA LEU E 184 16.72 -40.10 -34.42
C LEU E 184 17.82 -39.88 -35.45
N GLN E 187 20.80 -40.58 -33.40
CA GLN E 187 21.66 -40.04 -32.33
C GLN E 187 21.01 -40.21 -30.96
N THR E 188 21.72 -40.91 -30.08
CA THR E 188 21.25 -41.21 -28.73
C THR E 188 21.48 -40.03 -27.80
N TYR E 189 20.41 -39.58 -27.12
CA TYR E 189 20.50 -38.53 -26.09
C TYR E 189 20.33 -39.10 -24.68
N ILE E 190 21.40 -39.01 -23.89
CA ILE E 190 21.42 -39.55 -22.53
C ILE E 190 21.82 -38.46 -21.55
N CYS E 191 21.10 -38.36 -20.43
CA CYS E 191 21.45 -37.41 -19.39
C CYS E 191 22.11 -38.15 -18.22
N ASN E 192 23.23 -37.60 -17.75
CA ASN E 192 24.06 -38.23 -16.73
C ASN E 192 23.93 -37.49 -15.40
N VAL E 193 23.21 -38.07 -14.45
CA VAL E 193 22.99 -37.44 -13.15
C VAL E 193 23.92 -37.99 -12.08
N ASN E 194 24.56 -37.10 -11.34
CA ASN E 194 25.42 -37.48 -10.24
C ASN E 194 25.05 -36.72 -8.97
N HIS E 195 24.85 -37.48 -7.89
CA HIS E 195 24.51 -36.91 -6.58
C HIS E 195 25.45 -37.50 -5.54
N LYS E 196 26.55 -36.80 -5.27
CA LYS E 196 27.64 -37.34 -4.44
C LYS E 196 27.30 -37.59 -2.97
N PRO E 197 26.36 -36.83 -2.38
CA PRO E 197 26.00 -37.08 -0.98
C PRO E 197 25.33 -38.45 -0.71
N SER E 198 24.61 -38.97 -1.70
CA SER E 198 24.02 -40.31 -1.58
C SER E 198 24.82 -41.31 -2.39
N ASN E 199 25.92 -40.87 -2.99
CA ASN E 199 26.73 -41.73 -3.85
C ASN E 199 25.88 -42.36 -4.96
N THR E 200 25.08 -41.52 -5.63
CA THR E 200 24.17 -41.96 -6.69
C THR E 200 24.59 -41.43 -8.05
N LYS E 201 24.87 -42.34 -8.98
CA LYS E 201 25.14 -42.01 -10.38
C LYS E 201 24.13 -42.70 -11.27
N VAL E 202 23.36 -41.93 -12.04
CA VAL E 202 22.31 -42.47 -12.91
C VAL E 202 22.39 -41.91 -14.32
N ASP E 203 22.46 -42.80 -15.31
CA ASP E 203 22.41 -42.42 -16.72
C ASP E 203 21.03 -42.74 -17.26
N LYS E 204 20.46 -41.84 -18.04
CA LYS E 204 19.07 -41.97 -18.48
C LYS E 204 18.90 -41.65 -19.96
N LYS E 205 18.56 -42.68 -20.74
CA LYS E 205 18.26 -42.53 -22.14
C LYS E 205 16.93 -41.81 -22.29
N VAL E 206 16.87 -40.82 -23.17
CA VAL E 206 15.65 -40.07 -23.42
C VAL E 206 15.31 -40.20 -24.90
N GLU E 207 14.11 -40.68 -25.21
CA GLU E 207 13.73 -40.99 -26.59
C GLU E 207 12.25 -40.69 -26.85
N PRO E 208 11.92 -40.30 -28.09
CA PRO E 208 10.54 -39.92 -28.44
C PRO E 208 9.61 -41.12 -28.67
N GLN F 2 21.49 -3.26 7.42
CA GLN F 2 21.65 -1.95 6.72
C GLN F 2 22.86 -1.16 7.24
N VAL F 3 24.05 -1.75 7.10
CA VAL F 3 25.29 -1.03 7.38
C VAL F 3 25.75 -0.31 6.11
N LEU F 4 25.62 -1.00 4.98
CA LEU F 4 25.96 -0.46 3.66
C LEU F 4 24.79 -0.67 2.71
N THR F 5 23.95 0.36 2.58
CA THR F 5 22.79 0.29 1.70
C THR F 5 23.20 0.56 0.25
N GLN F 6 22.89 -0.38 -0.64
CA GLN F 6 23.25 -0.25 -2.04
C GLN F 6 22.04 0.13 -2.88
N THR F 7 22.30 0.47 -4.15
CA THR F 7 21.24 0.78 -5.11
C THR F 7 20.25 -0.39 -5.18
N THR F 8 18.97 -0.06 -5.23
CA THR F 8 17.91 -1.07 -5.32
C THR F 8 18.05 -1.96 -6.55
N SER F 9 17.99 -3.29 -6.35
CA SER F 9 17.93 -4.24 -7.47
C SER F 9 16.53 -4.25 -8.09
N PRO F 10 16.43 -4.53 -9.41
CA PRO F 10 17.52 -4.66 -10.38
C PRO F 10 17.77 -3.33 -11.09
N VAL F 11 18.94 -3.19 -11.70
CA VAL F 11 19.23 -2.07 -12.60
C VAL F 11 19.48 -2.60 -14.01
N SER F 12 18.73 -2.05 -14.98
CA SER F 12 18.85 -2.42 -16.38
C SER F 12 19.89 -1.56 -17.11
N ALA F 13 20.64 -2.19 -18.02
CA ALA F 13 21.65 -1.47 -18.82
C ALA F 13 21.81 -2.08 -20.21
N ALA F 14 21.97 -1.24 -21.22
CA ALA F 14 22.24 -1.70 -22.59
C ALA F 14 23.70 -2.13 -22.71
N VAL F 15 24.03 -2.82 -23.79
CA VAL F 15 25.43 -3.14 -24.06
C VAL F 15 26.11 -1.87 -24.55
N GLY F 16 27.39 -1.72 -24.24
CA GLY F 16 28.15 -0.51 -24.55
C GLY F 16 27.84 0.69 -23.66
N SER F 17 26.75 0.60 -22.89
CA SER F 17 26.28 1.69 -22.04
C SER F 17 27.10 1.80 -20.75
N THR F 18 26.77 2.82 -19.95
CA THR F 18 27.36 3.02 -18.63
C THR F 18 26.26 3.01 -17.57
N VAL F 19 26.39 2.12 -16.57
CA VAL F 19 25.52 2.19 -15.37
C VAL F 19 26.31 2.38 -14.09
N THR F 20 25.61 2.90 -13.10
CA THR F 20 26.21 3.39 -11.87
C THR F 20 25.54 2.72 -10.68
N ILE F 21 26.35 2.09 -9.83
CA ILE F 21 25.88 1.45 -8.60
C ILE F 21 26.39 2.23 -7.40
N SER F 22 25.47 2.57 -6.49
CA SER F 22 25.78 3.41 -5.34
C SER F 22 25.90 2.59 -4.04
N CYS F 23 26.86 2.97 -3.19
CA CYS F 23 27.09 2.32 -1.89
C CYS F 23 27.11 3.36 -0.73
N GLN F 24 26.02 3.38 0.03
CA GLN F 24 25.78 4.36 1.11
C GLN F 24 26.02 3.75 2.49
N SER F 25 27.01 4.27 3.20
CA SER F 25 27.32 3.80 4.55
C SER F 25 26.57 4.57 5.64
N SER F 26 26.21 3.87 6.72
CA SER F 26 25.62 4.50 7.91
C SER F 26 26.70 5.26 8.67
N GLN F 27 27.85 4.63 8.84
CA GLN F 27 29.02 5.26 9.48
C GLN F 27 30.22 5.21 8.55
N SER F 28 31.09 6.20 8.65
CA SER F 28 32.18 6.34 7.69
C SER F 28 33.07 5.10 7.67
N VAL F 29 33.56 4.77 6.48
CA VAL F 29 34.43 3.62 6.25
C VAL F 29 35.87 4.06 6.49
N ARG F 30 36.74 3.15 6.92
CA ARG F 30 38.15 3.48 7.10
C ARG F 30 38.69 3.96 5.75
N THR F 31 39.51 5.02 5.79
CA THR F 31 39.86 5.78 4.60
C THR F 31 40.61 4.94 3.57
N ASN F 32 40.07 4.93 2.35
CA ASN F 32 40.60 4.14 1.23
C ASN F 32 40.59 2.62 1.46
N LYS F 33 39.60 2.15 2.22
CA LYS F 33 39.46 0.71 2.49
C LYS F 33 38.04 0.24 2.15
N LEU F 34 37.73 0.21 0.85
CA LEU F 34 36.47 -0.31 0.34
C LEU F 34 36.65 -0.97 -1.02
N ALA F 35 36.30 -2.26 -1.09
CA ALA F 35 36.40 -3.03 -2.32
C ALA F 35 35.07 -3.15 -3.00
N TRP F 36 35.10 -3.55 -4.27
CA TRP F 36 33.89 -3.97 -4.98
C TRP F 36 34.12 -5.38 -5.55
N PHE F 37 33.10 -6.22 -5.40
CA PHE F 37 33.17 -7.60 -5.84
C PHE F 37 32.07 -7.88 -6.85
N GLN F 38 32.36 -8.80 -7.77
CA GLN F 38 31.36 -9.30 -8.71
C GLN F 38 31.12 -10.73 -8.33
N GLN F 39 29.90 -11.20 -8.60
CA GLN F 39 29.58 -12.62 -8.48
C GLN F 39 28.56 -13.03 -9.52
N LYS F 40 28.92 -14.03 -10.33
CA LYS F 40 27.99 -14.69 -11.22
C LYS F 40 27.47 -15.92 -10.47
N PRO F 41 26.20 -16.30 -10.68
CA PRO F 41 25.62 -17.40 -9.90
C PRO F 41 26.35 -18.72 -10.05
N GLY F 42 26.60 -19.39 -8.93
CA GLY F 42 27.33 -20.64 -8.92
C GLY F 42 28.81 -20.44 -8.66
N GLN F 43 29.33 -19.29 -9.08
CA GLN F 43 30.76 -19.01 -8.98
C GLN F 43 31.13 -18.28 -7.69
N PRO F 44 32.42 -18.29 -7.34
CA PRO F 44 32.88 -17.49 -6.21
C PRO F 44 32.89 -15.98 -6.50
N PRO F 45 32.99 -15.15 -5.46
CA PRO F 45 33.11 -13.72 -5.70
C PRO F 45 34.49 -13.35 -6.23
N LYS F 46 34.54 -12.57 -7.31
CA LYS F 46 35.80 -12.02 -7.80
C LYS F 46 35.84 -10.54 -7.48
N ARG F 47 36.96 -10.10 -6.91
CA ARG F 47 37.18 -8.69 -6.63
C ARG F 47 37.47 -7.91 -7.91
N LEU F 48 36.73 -6.83 -8.13
CA LEU F 48 36.98 -5.92 -9.23
C LEU F 48 38.01 -4.85 -8.82
N ILE F 49 37.70 -4.10 -7.77
CA ILE F 49 38.56 -2.98 -7.33
C ILE F 49 38.83 -2.97 -5.83
N TYR F 50 39.95 -2.39 -5.45
CA TYR F 50 40.31 -2.23 -4.04
C TYR F 50 40.84 -0.84 -3.76
N SER F 51 40.86 -0.49 -2.47
CA SER F 51 41.17 0.88 -2.01
C SER F 51 40.25 1.95 -2.62
N ALA F 52 39.06 1.53 -3.08
CA ALA F 52 38.06 2.40 -3.72
C ALA F 52 38.39 2.84 -5.16
N SER F 53 39.67 2.87 -5.51
CA SER F 53 40.12 3.40 -6.80
C SER F 53 40.80 2.34 -7.66
N THR F 54 41.80 1.69 -7.09
CA THR F 54 42.67 0.76 -7.80
C THR F 54 41.92 -0.40 -8.43
N LEU F 55 42.18 -0.65 -9.72
CA LEU F 55 41.68 -1.84 -10.42
C LEU F 55 42.59 -3.03 -10.15
N ASP F 56 41.99 -4.22 -10.10
CA ASP F 56 42.74 -5.43 -9.83
C ASP F 56 43.21 -6.02 -11.15
N PHE F 57 44.32 -6.76 -11.11
CA PHE F 57 44.92 -7.30 -12.33
C PHE F 57 43.90 -8.10 -13.13
N GLY F 58 43.81 -7.79 -14.41
CA GLY F 58 42.89 -8.48 -15.30
C GLY F 58 41.56 -7.79 -15.49
N VAL F 59 41.16 -6.97 -14.53
CA VAL F 59 39.88 -6.28 -14.63
C VAL F 59 39.95 -5.27 -15.77
N PRO F 60 39.04 -5.39 -16.75
CA PRO F 60 39.04 -4.41 -17.84
C PRO F 60 38.95 -2.98 -17.33
N SER F 61 39.55 -2.05 -18.08
CA SER F 61 39.52 -0.64 -17.72
C SER F 61 38.13 -0.01 -17.83
N ARG F 62 37.14 -0.83 -18.20
CA ARG F 62 35.75 -0.40 -18.33
C ARG F 62 35.08 -0.11 -16.96
N PHE F 63 35.58 -0.77 -15.92
CA PHE F 63 35.11 -0.56 -14.56
C PHE F 63 35.85 0.61 -13.93
N SER F 64 35.18 1.36 -13.07
CA SER F 64 35.81 2.42 -12.31
C SER F 64 34.97 2.78 -11.09
N ALA F 65 35.60 3.45 -10.12
CA ALA F 65 34.91 3.85 -8.90
C ALA F 65 35.64 4.93 -8.13
N SER F 66 34.86 5.66 -7.33
CA SER F 66 35.39 6.69 -6.43
C SER F 66 34.51 6.79 -5.17
N GLY F 67 34.85 7.75 -4.31
CA GLY F 67 34.06 8.03 -3.11
C GLY F 67 34.90 8.09 -1.86
N SER F 68 34.31 8.64 -0.79
CA SER F 68 34.98 8.73 0.51
C SER F 68 33.98 8.80 1.66
N GLY F 69 34.42 8.34 2.83
CA GLY F 69 33.65 8.42 4.07
C GLY F 69 32.34 7.65 4.05
N THR F 70 31.30 8.32 3.56
CA THR F 70 29.94 7.81 3.63
C THR F 70 29.41 7.32 2.26
N GLN F 71 29.96 7.89 1.18
CA GLN F 71 29.42 7.67 -0.17
C GLN F 71 30.46 7.13 -1.15
N PHE F 72 30.15 5.95 -1.71
CA PHE F 72 31.02 5.26 -2.68
C PHE F 72 30.18 4.85 -3.87
N THR F 73 30.79 4.86 -5.06
CA THR F 73 30.08 4.59 -6.31
C THR F 73 30.91 3.68 -7.23
N LEU F 74 30.25 2.70 -7.83
CA LEU F 74 30.84 1.88 -8.89
C LEU F 74 30.19 2.24 -10.22
N THR F 75 31.02 2.62 -11.18
CA THR F 75 30.53 2.96 -12.50
C THR F 75 31.10 1.97 -13.52
N ILE F 76 30.20 1.26 -14.18
CA ILE F 76 30.56 0.29 -15.20
C ILE F 76 30.28 0.97 -16.54
N SER F 77 31.34 1.37 -17.22
CA SER F 77 31.22 1.94 -18.56
C SER F 77 31.44 0.83 -19.56
N ASP F 78 30.80 0.93 -20.72
CA ASP F 78 31.00 -0.03 -21.82
C ASP F 78 30.48 -1.42 -21.39
N VAL F 79 29.19 -1.49 -21.07
CA VAL F 79 28.57 -2.67 -20.48
C VAL F 79 28.52 -3.84 -21.45
N GLN F 80 28.95 -5.01 -20.98
CA GLN F 80 28.95 -6.24 -21.78
C GLN F 80 27.78 -7.15 -21.36
N CYS F 81 27.40 -8.08 -22.25
CA CYS F 81 26.53 -9.20 -21.89
C CYS F 81 27.12 -9.92 -20.68
N ASP F 82 28.45 -10.03 -20.70
CA ASP F 82 29.26 -10.69 -19.68
C ASP F 82 29.07 -10.15 -18.25
N ASP F 83 28.49 -8.96 -18.13
CA ASP F 83 28.40 -8.28 -16.84
C ASP F 83 27.02 -8.36 -16.20
N ALA F 84 26.21 -9.31 -16.66
CA ALA F 84 24.95 -9.64 -15.99
C ALA F 84 25.28 -10.46 -14.74
N ALA F 85 25.18 -9.82 -13.57
CA ALA F 85 25.70 -10.38 -12.33
C ALA F 85 25.26 -9.55 -11.14
N THR F 86 25.74 -9.90 -9.94
CA THR F 86 25.48 -9.11 -8.72
C THR F 86 26.76 -8.46 -8.19
N TYR F 87 26.66 -7.20 -7.79
CA TYR F 87 27.84 -6.43 -7.39
C TYR F 87 27.71 -5.95 -5.93
N TYR F 88 28.78 -6.17 -5.16
CA TYR F 88 28.78 -5.91 -3.72
C TYR F 88 29.93 -4.99 -3.29
N CYS F 89 29.61 -3.92 -2.56
CA CYS F 89 30.68 -3.17 -1.90
C CYS F 89 31.05 -3.86 -0.60
N LEU F 90 32.27 -3.61 -0.13
CA LEU F 90 32.76 -4.20 1.11
C LEU F 90 33.62 -3.19 1.87
N GLY F 91 33.20 -2.79 3.07
CA GLY F 91 33.88 -1.75 3.85
C GLY F 91 34.60 -2.23 5.11
N TYR F 92 35.68 -1.54 5.47
CA TYR F 92 36.40 -1.77 6.71
C TYR F 92 35.97 -0.72 7.72
N PHE F 93 35.87 -1.10 8.98
CA PHE F 93 35.48 -0.18 10.04
C PHE F 93 36.35 -0.40 11.28
N ASP F 94 36.17 0.46 12.28
CA ASP F 94 36.94 0.36 13.52
C ASP F 94 36.36 -0.77 14.37
N CYS F 95 37.13 -1.85 14.51
CA CYS F 95 36.61 -3.11 15.10
C CYS F 95 36.01 -2.92 16.49
N SER F 96 36.45 -1.88 17.18
CA SER F 96 35.91 -1.51 18.47
C SER F 96 35.40 -0.06 18.42
N ILE F 97 34.09 0.15 18.29
CA ILE F 97 33.11 -0.92 18.10
C ILE F 97 32.39 -0.73 16.76
N ALA F 98 32.48 -1.78 15.95
CA ALA F 98 31.72 -1.97 14.70
C ALA F 98 32.29 -3.28 14.12
N ASP F 99 31.53 -3.96 13.27
CA ASP F 99 32.06 -5.14 12.60
C ASP F 99 33.28 -4.71 11.80
N CYS F 100 34.41 -5.39 11.99
CA CYS F 100 35.60 -5.05 11.21
C CYS F 100 35.25 -4.92 9.74
N VAL F 101 34.55 -5.91 9.21
CA VAL F 101 34.21 -5.94 7.80
C VAL F 101 32.71 -6.09 7.64
N ALA F 102 32.16 -5.58 6.54
CA ALA F 102 30.77 -5.78 6.20
C ALA F 102 30.59 -5.73 4.70
N PHE F 103 29.56 -6.41 4.21
CA PHE F 103 29.20 -6.40 2.80
C PHE F 103 27.97 -5.53 2.65
N GLY F 104 27.77 -4.99 1.45
CA GLY F 104 26.53 -4.29 1.14
C GLY F 104 25.45 -5.29 0.78
N GLY F 105 24.25 -4.81 0.52
CA GLY F 105 23.12 -5.70 0.19
C GLY F 105 23.28 -6.38 -1.16
N GLY F 106 24.09 -5.79 -2.03
CA GLY F 106 24.31 -6.33 -3.36
C GLY F 106 23.35 -5.72 -4.35
N THR F 107 23.81 -5.50 -5.57
CA THR F 107 22.94 -4.96 -6.62
C THR F 107 23.05 -5.76 -7.91
N GLU F 108 21.89 -6.19 -8.42
CA GLU F 108 21.80 -6.99 -9.63
C GLU F 108 21.73 -6.11 -10.88
N VAL F 109 22.50 -6.48 -11.90
CA VAL F 109 22.45 -5.79 -13.20
C VAL F 109 21.81 -6.70 -14.23
N VAL F 110 20.62 -6.32 -14.72
CA VAL F 110 19.98 -7.01 -15.84
C VAL F 110 20.37 -6.32 -17.14
N VAL F 111 21.01 -7.05 -18.05
CA VAL F 111 21.41 -6.49 -19.33
C VAL F 111 20.19 -6.27 -20.22
N LYS F 112 20.06 -5.04 -20.75
CA LYS F 112 19.00 -4.69 -21.68
C LYS F 112 19.24 -5.37 -23.03
N ARG F 113 18.21 -6.02 -23.53
CA ARG F 113 18.30 -6.89 -24.70
C ARG F 113 17.00 -6.72 -25.49
N THR F 114 16.95 -7.26 -26.71
CA THR F 114 15.74 -7.22 -27.51
C THR F 114 14.64 -8.03 -26.84
N VAL F 115 13.39 -7.71 -27.14
CA VAL F 115 12.29 -8.55 -26.68
C VAL F 115 12.47 -9.91 -27.35
N ALA F 116 11.97 -10.96 -26.69
CA ALA F 116 12.06 -12.33 -27.21
C ALA F 116 10.92 -13.16 -26.68
N ALA F 117 10.01 -13.56 -27.56
CA ALA F 117 8.94 -14.46 -27.19
C ALA F 117 9.54 -15.81 -26.82
N PRO F 118 8.94 -16.49 -25.82
CA PRO F 118 9.43 -17.81 -25.44
C PRO F 118 9.01 -18.87 -26.44
N SER F 119 9.93 -19.77 -26.77
CA SER F 119 9.57 -21.02 -27.41
C SER F 119 8.94 -21.88 -26.31
N VAL F 120 7.65 -22.20 -26.46
CA VAL F 120 6.92 -22.92 -25.42
C VAL F 120 6.83 -24.41 -25.75
N PHE F 121 7.07 -25.25 -24.75
CA PHE F 121 6.94 -26.70 -24.89
C PHE F 121 6.22 -27.27 -23.68
N ILE F 122 5.82 -28.54 -23.78
CA ILE F 122 5.12 -29.22 -22.69
C ILE F 122 5.47 -30.71 -22.70
N PHE F 123 5.56 -31.30 -21.51
CA PHE F 123 6.01 -32.68 -21.38
C PHE F 123 5.07 -33.49 -20.48
N PRO F 124 4.69 -34.70 -20.93
CA PRO F 124 3.86 -35.56 -20.10
C PRO F 124 4.68 -36.40 -19.13
N PRO F 125 4.04 -36.98 -18.10
CA PRO F 125 4.70 -37.91 -17.19
C PRO F 125 5.26 -39.14 -17.89
N SER F 126 6.30 -39.73 -17.31
CA SER F 126 6.93 -40.92 -17.85
C SER F 126 6.33 -42.19 -17.26
N ASP F 127 6.34 -43.27 -18.04
CA ASP F 127 5.85 -44.55 -17.56
C ASP F 127 6.55 -45.01 -16.29
N GLU F 128 7.85 -44.75 -16.21
CA GLU F 128 8.63 -45.14 -15.04
C GLU F 128 8.22 -44.34 -13.80
N GLN F 129 7.75 -43.11 -14.00
CA GLN F 129 7.27 -42.27 -12.89
C GLN F 129 5.85 -42.63 -12.51
N LEU F 130 5.01 -42.93 -13.50
CA LEU F 130 3.62 -43.33 -13.22
C LEU F 130 3.58 -44.60 -12.34
N LYS F 131 4.69 -45.35 -12.33
CA LYS F 131 4.88 -46.50 -11.43
C LYS F 131 5.39 -46.10 -10.02
N SER F 132 5.74 -44.84 -9.81
CA SER F 132 6.35 -44.40 -8.54
C SER F 132 5.47 -44.41 -7.27
N GLY F 133 4.20 -44.00 -7.32
CA GLY F 133 3.47 -43.57 -8.52
C GLY F 133 2.78 -42.23 -8.35
N THR F 134 3.43 -41.17 -8.84
CA THR F 134 2.83 -39.84 -8.96
C THR F 134 3.09 -39.33 -10.38
N ALA F 135 2.50 -38.19 -10.71
CA ALA F 135 2.58 -37.62 -12.07
C ALA F 135 3.12 -36.19 -12.04
N SER F 136 4.09 -35.92 -12.92
CA SER F 136 4.71 -34.61 -13.04
C SER F 136 4.59 -34.13 -14.48
N VAL F 137 4.05 -32.94 -14.67
CA VAL F 137 3.85 -32.36 -16.00
C VAL F 137 4.69 -31.08 -16.12
N VAL F 138 5.71 -31.12 -16.98
CA VAL F 138 6.63 -29.99 -17.14
C VAL F 138 6.24 -29.12 -18.33
N CYS F 139 6.39 -27.81 -18.17
CA CYS F 139 6.17 -26.86 -19.27
C CYS F 139 7.39 -25.96 -19.37
N LEU F 140 8.15 -26.12 -20.45
CA LEU F 140 9.36 -25.35 -20.68
C LEU F 140 9.05 -24.07 -21.44
N LEU F 141 9.46 -22.93 -20.89
CA LEU F 141 9.55 -21.68 -21.63
C LEU F 141 11.04 -21.46 -21.87
N ASN F 142 11.41 -21.23 -23.11
CA ASN F 142 12.82 -21.25 -23.50
C ASN F 142 13.26 -19.97 -24.15
N ASN F 143 14.43 -19.47 -23.72
CA ASN F 143 15.04 -18.30 -24.29
C ASN F 143 14.08 -17.14 -24.55
N PHE F 144 13.68 -16.45 -23.49
CA PHE F 144 12.81 -15.28 -23.61
C PHE F 144 13.37 -14.08 -22.85
N TYR F 145 12.88 -12.88 -23.18
CA TYR F 145 13.32 -11.66 -22.52
C TYR F 145 12.26 -10.56 -22.65
N PRO F 146 12.11 -9.70 -21.61
CA PRO F 146 12.64 -9.80 -20.23
C PRO F 146 11.92 -10.92 -19.47
N ARG F 147 12.05 -10.98 -18.15
CA ARG F 147 11.51 -12.13 -17.42
C ARG F 147 9.99 -12.34 -17.61
N GLU F 148 9.16 -11.47 -17.04
CA GLU F 148 7.69 -11.63 -17.15
C GLU F 148 7.25 -13.08 -16.90
N ALA F 149 7.44 -13.54 -15.68
CA ALA F 149 7.12 -14.91 -15.29
C ALA F 149 5.61 -15.15 -15.22
N LYS F 150 4.99 -15.32 -16.40
CA LYS F 150 3.53 -15.50 -16.48
C LYS F 150 3.19 -16.80 -17.18
N VAL F 151 2.68 -17.75 -16.40
CA VAL F 151 2.33 -19.08 -16.88
C VAL F 151 1.03 -19.48 -16.20
N GLN F 152 0.13 -20.11 -16.96
CA GLN F 152 -1.14 -20.57 -16.41
C GLN F 152 -1.42 -22.03 -16.78
N TRP F 153 -1.48 -22.89 -15.76
CA TRP F 153 -1.89 -24.28 -15.95
C TRP F 153 -3.41 -24.38 -16.01
N LYS F 154 -3.92 -25.04 -17.05
CA LYS F 154 -5.35 -25.27 -17.21
C LYS F 154 -5.60 -26.78 -17.36
N VAL F 155 -6.42 -27.34 -16.48
CA VAL F 155 -6.80 -28.75 -16.53
C VAL F 155 -8.30 -28.85 -16.76
N ASP F 156 -8.68 -29.06 -18.03
CA ASP F 156 -10.06 -28.92 -18.49
C ASP F 156 -10.55 -27.49 -18.25
N ASN F 157 -9.88 -26.54 -18.90
CA ASN F 157 -10.15 -25.10 -18.73
C ASN F 157 -10.42 -24.70 -17.27
N ALA F 158 -9.64 -25.29 -16.35
CA ALA F 158 -9.79 -25.03 -14.92
C ALA F 158 -8.44 -24.64 -14.30
N LEU F 159 -8.25 -23.34 -14.10
CA LEU F 159 -7.03 -22.78 -13.50
C LEU F 159 -6.75 -23.41 -12.12
N GLN F 160 -5.47 -23.59 -11.80
CA GLN F 160 -5.07 -24.28 -10.56
C GLN F 160 -4.04 -23.51 -9.74
N SER F 161 -4.43 -23.10 -8.53
CA SER F 161 -3.53 -22.43 -7.60
C SER F 161 -2.54 -23.42 -6.97
N GLY F 162 -1.36 -22.90 -6.64
CA GLY F 162 -0.21 -23.65 -6.10
C GLY F 162 -0.25 -25.13 -5.78
N ASN F 163 -0.07 -25.96 -6.81
CA ASN F 163 0.45 -27.33 -6.65
C ASN F 163 1.54 -27.56 -7.70
N SER F 164 2.28 -26.49 -7.98
CA SER F 164 3.22 -26.43 -9.10
C SER F 164 4.19 -25.28 -8.90
N GLN F 165 5.47 -25.55 -9.12
CA GLN F 165 6.52 -24.58 -8.84
C GLN F 165 7.26 -24.17 -10.11
N GLU F 166 7.59 -22.88 -10.21
CA GLU F 166 8.41 -22.37 -11.30
C GLU F 166 9.88 -22.40 -10.91
N SER F 167 10.74 -22.47 -11.92
CA SER F 167 12.17 -22.32 -11.73
C SER F 167 12.73 -21.53 -12.92
N VAL F 168 13.46 -20.46 -12.64
CA VAL F 168 13.96 -19.58 -13.70
C VAL F 168 15.48 -19.61 -13.71
N THR F 169 16.08 -19.68 -14.90
CA THR F 169 17.52 -19.65 -15.04
C THR F 169 18.02 -18.25 -14.78
N GLU F 170 19.32 -18.10 -14.61
CA GLU F 170 19.90 -16.77 -14.56
C GLU F 170 19.94 -16.23 -15.99
N GLN F 171 19.85 -14.91 -16.13
CA GLN F 171 20.05 -14.28 -17.42
C GLN F 171 21.27 -14.90 -18.05
N ASP F 172 21.11 -15.43 -19.27
CA ASP F 172 22.19 -16.13 -19.94
C ASP F 172 23.36 -15.20 -20.21
N SER F 173 24.56 -15.73 -20.06
CA SER F 173 25.78 -14.97 -20.23
C SER F 173 26.03 -14.58 -21.68
N LYS F 174 25.55 -15.40 -22.62
CA LYS F 174 25.86 -15.27 -24.04
C LYS F 174 24.84 -14.42 -24.83
N ASP F 175 23.56 -14.74 -24.67
CA ASP F 175 22.48 -14.07 -25.43
C ASP F 175 21.49 -13.31 -24.55
N SER F 176 21.85 -13.10 -23.28
CA SER F 176 21.04 -12.34 -22.31
C SER F 176 19.58 -12.79 -22.19
N THR F 177 19.35 -14.08 -22.40
CA THR F 177 18.00 -14.64 -22.34
C THR F 177 17.68 -15.28 -20.97
N TYR F 178 16.43 -15.68 -20.80
CA TYR F 178 15.99 -16.46 -19.64
C TYR F 178 15.34 -17.76 -20.09
N SER F 179 15.15 -18.69 -19.16
CA SER F 179 14.34 -19.88 -19.41
C SER F 179 13.61 -20.26 -18.14
N LEU F 180 12.46 -20.93 -18.27
CA LEU F 180 11.58 -21.19 -17.12
C LEU F 180 10.87 -22.53 -17.23
N SER F 181 10.71 -23.22 -16.10
CA SER F 181 10.05 -24.51 -16.07
C SER F 181 9.03 -24.60 -14.95
N SER F 182 7.74 -24.59 -15.32
CA SER F 182 6.65 -24.79 -14.37
C SER F 182 6.26 -26.27 -14.38
N THR F 183 6.41 -26.92 -13.24
CA THR F 183 6.17 -28.36 -13.12
C THR F 183 4.96 -28.58 -12.26
N LEU F 184 3.95 -29.25 -12.80
CA LEU F 184 2.68 -29.48 -12.12
C LEU F 184 2.65 -30.92 -11.57
N THR F 185 2.53 -31.05 -10.25
CA THR F 185 2.55 -32.37 -9.61
C THR F 185 1.15 -32.80 -9.19
N LEU F 186 0.78 -34.02 -9.61
CA LEU F 186 -0.48 -34.67 -9.21
C LEU F 186 -0.17 -36.14 -8.98
N SER F 187 -0.95 -36.79 -8.11
CA SER F 187 -0.75 -38.22 -7.83
C SER F 187 -1.22 -39.07 -9.01
N LYS F 188 -0.89 -40.34 -8.98
CA LYS F 188 -1.26 -41.31 -10.01
C LYS F 188 -2.76 -41.26 -10.30
N ALA F 189 -3.55 -41.29 -9.23
CA ALA F 189 -5.01 -41.33 -9.34
C ALA F 189 -5.60 -40.03 -9.90
N ASP F 190 -5.21 -38.89 -9.31
CA ASP F 190 -5.78 -37.58 -9.68
C ASP F 190 -5.47 -37.16 -11.11
N TYR F 191 -4.31 -37.55 -11.62
CA TYR F 191 -3.90 -37.23 -13.00
C TYR F 191 -4.77 -37.95 -14.02
N GLU F 192 -5.13 -39.19 -13.73
CA GLU F 192 -5.93 -40.01 -14.64
C GLU F 192 -7.43 -39.67 -14.60
N LYS F 193 -7.77 -38.46 -14.18
CA LYS F 193 -9.18 -38.05 -14.06
C LYS F 193 -9.50 -36.82 -14.91
N HIS F 194 -8.62 -36.48 -15.84
CA HIS F 194 -8.83 -35.38 -16.79
C HIS F 194 -8.20 -35.73 -18.14
N LYS F 195 -8.51 -34.95 -19.17
CA LYS F 195 -8.00 -35.22 -20.53
C LYS F 195 -6.99 -34.17 -20.97
N VAL F 196 -7.45 -32.93 -21.12
CA VAL F 196 -6.63 -31.84 -21.67
C VAL F 196 -5.80 -31.15 -20.56
N TYR F 197 -4.50 -31.01 -20.82
CA TYR F 197 -3.56 -30.37 -19.88
C TYR F 197 -2.80 -29.28 -20.60
N ALA F 198 -3.22 -28.03 -20.40
CA ALA F 198 -2.72 -26.89 -21.18
C ALA F 198 -1.82 -25.97 -20.38
N CYS F 199 -0.87 -25.35 -21.10
CA CYS F 199 0.07 -24.42 -20.51
C CYS F 199 -0.05 -23.08 -21.23
N GLU F 200 -0.93 -22.22 -20.76
CA GLU F 200 -1.08 -20.89 -21.36
C GLU F 200 0.02 -19.96 -20.88
N VAL F 201 0.65 -19.28 -21.84
CA VAL F 201 1.77 -18.41 -21.57
C VAL F 201 1.41 -16.97 -21.96
N THR F 202 1.80 -16.01 -21.15
CA THR F 202 1.60 -14.59 -21.45
C THR F 202 2.93 -13.84 -21.38
N HIS F 203 3.24 -13.11 -22.45
CA HIS F 203 4.53 -12.47 -22.64
C HIS F 203 4.50 -11.64 -23.92
N GLN F 204 5.29 -10.57 -23.96
CA GLN F 204 5.42 -9.74 -25.16
C GLN F 204 5.76 -10.59 -26.41
N GLY F 205 4.72 -11.12 -27.05
CA GLY F 205 4.87 -12.02 -28.18
C GLY F 205 4.02 -13.27 -28.00
N SER F 208 -1.74 -11.51 -27.40
CA SER F 208 -1.72 -12.79 -28.11
C SER F 208 -1.01 -13.86 -27.29
N PRO F 209 -1.69 -14.43 -26.29
CA PRO F 209 -1.11 -15.53 -25.51
C PRO F 209 -0.98 -16.81 -26.32
N VAL F 210 0.10 -17.55 -26.10
CA VAL F 210 0.28 -18.88 -26.67
C VAL F 210 -0.42 -19.87 -25.74
N THR F 211 -0.79 -21.03 -26.25
CA THR F 211 -1.43 -22.06 -25.42
C THR F 211 -1.08 -23.47 -25.93
N LYS F 212 0.02 -24.02 -25.44
CA LYS F 212 0.40 -25.38 -25.79
C LYS F 212 -0.30 -26.36 -24.86
N SER F 213 -0.68 -27.53 -25.40
CA SER F 213 -1.36 -28.56 -24.60
C SER F 213 -1.28 -29.94 -25.23
N PHE F 214 -1.70 -30.94 -24.46
CA PHE F 214 -1.81 -32.32 -24.92
C PHE F 214 -3.00 -33.01 -24.25
N ASN F 215 -3.49 -34.07 -24.88
CA ASN F 215 -4.53 -34.91 -24.31
C ASN F 215 -3.91 -36.15 -23.68
N ARG F 216 -4.42 -36.53 -22.51
CA ARG F 216 -3.88 -37.64 -21.75
C ARG F 216 -3.93 -38.95 -22.54
N GLY F 217 -2.95 -39.82 -22.30
CA GLY F 217 -2.86 -41.13 -22.97
C GLY F 217 -2.65 -41.08 -24.48
N GLU F 218 -2.22 -39.94 -25.00
CA GLU F 218 -2.03 -39.74 -26.44
C GLU F 218 -0.74 -38.94 -26.71
N VAL G 5 -29.96 41.53 3.12
CA VAL G 5 -30.37 40.31 3.89
C VAL G 5 -29.97 39.04 3.14
N ASP G 6 -29.73 37.98 3.90
CA ASP G 6 -29.32 36.69 3.35
C ASP G 6 -30.53 35.87 2.86
N SEP G 7 -30.46 35.40 1.61
CA SEP G 7 -31.52 34.62 0.98
CB SEP G 7 -32.47 35.52 0.22
OG SEP G 7 -33.25 34.71 -0.67
C SEP G 7 -30.93 33.61 0.01
O SEP G 7 -30.12 34.00 -0.83
P SEP G 7 -34.72 35.12 -1.19
O1P SEP G 7 -35.48 35.44 0.06
O2P SEP G 7 -34.45 36.29 -2.09
O3P SEP G 7 -35.21 33.91 -1.94
N PRO G 8 -31.35 32.33 0.10
CA PRO G 8 -30.87 31.30 -0.85
C PRO G 8 -31.24 31.53 -2.33
N GLN G 9 -32.22 32.40 -2.58
CA GLN G 9 -32.63 32.78 -3.93
C GLN G 9 -33.06 31.56 -4.77
N LEU G 10 -33.87 30.70 -4.15
CA LEU G 10 -34.43 29.51 -4.79
C LEU G 10 -35.91 29.63 -5.11
N ALA G 11 -36.69 30.13 -4.14
CA ALA G 11 -38.15 30.15 -4.20
C ALA G 11 -38.72 31.51 -4.61
N THR G 12 -37.85 32.49 -4.85
CA THR G 12 -38.28 33.82 -5.31
C THR G 12 -37.86 34.03 -6.77
N LEU G 13 -38.10 35.23 -7.29
CA LEU G 13 -37.75 35.56 -8.68
C LEU G 13 -36.30 35.24 -9.01
N MET H 4 2.92 -24.36 3.06
CA MET H 4 3.40 -23.13 3.75
C MET H 4 2.66 -22.89 5.07
N VAL H 5 3.41 -22.80 6.16
CA VAL H 5 2.84 -22.57 7.49
C VAL H 5 2.74 -21.07 7.74
N ASP H 6 1.75 -20.65 8.53
CA ASP H 6 1.51 -19.24 8.82
C ASP H 6 2.40 -18.73 9.95
N SEP H 7 3.13 -17.65 9.69
CA SEP H 7 4.05 -17.09 10.68
CB SEP H 7 5.45 -17.69 10.49
OG SEP H 7 6.45 -16.90 11.14
C SEP H 7 4.14 -15.57 10.55
O SEP H 7 4.36 -15.06 9.46
P SEP H 7 7.69 -17.56 11.91
O1P SEP H 7 8.41 -16.39 12.52
O2P SEP H 7 8.48 -18.23 10.81
O3P SEP H 7 7.04 -18.49 12.89
N PRO H 8 3.97 -14.84 11.67
CA PRO H 8 4.13 -13.39 11.61
C PRO H 8 5.53 -12.91 11.28
N GLN H 9 6.52 -13.80 11.33
CA GLN H 9 7.88 -13.47 10.92
C GLN H 9 8.47 -12.31 11.74
N LEU H 10 8.38 -12.44 13.05
CA LEU H 10 8.83 -11.40 13.98
C LEU H 10 9.98 -11.84 14.88
N ALA H 11 9.92 -13.07 15.37
CA ALA H 11 10.91 -13.60 16.34
C ALA H 11 11.86 -14.62 15.72
N THR H 12 11.71 -14.87 14.43
CA THR H 12 12.67 -15.66 13.66
C THR H 12 13.31 -14.72 12.65
N LEU H 13 14.48 -15.08 12.13
CA LEU H 13 15.08 -14.29 11.06
C LEU H 13 14.31 -14.57 9.78
N ALA H 14 13.46 -13.63 9.41
CA ALA H 14 12.58 -13.80 8.26
C ALA H 14 13.31 -13.43 6.95
N ASP H 15 14.03 -12.31 6.96
CA ASP H 15 14.91 -11.94 5.85
C ASP H 15 14.52 -12.56 4.51
N MET I 4 53.72 -8.05 13.04
CA MET I 4 53.06 -6.92 12.32
C MET I 4 51.60 -6.73 12.69
N VAL I 5 51.05 -5.60 12.25
CA VAL I 5 49.66 -5.21 12.49
C VAL I 5 48.65 -6.22 11.92
N ASP I 6 47.52 -6.40 12.61
CA ASP I 6 46.43 -7.27 12.13
C ASP I 6 45.61 -6.59 11.03
N SEP I 7 45.18 -7.38 10.05
CA SEP I 7 44.41 -6.88 8.92
CB SEP I 7 45.31 -6.10 7.97
OG SEP I 7 44.78 -6.12 6.64
C SEP I 7 43.78 -8.03 8.17
O SEP I 7 44.42 -9.09 8.04
P SEP I 7 44.59 -4.78 5.76
O1P SEP I 7 43.98 -3.78 6.72
O2P SEP I 7 43.66 -5.14 4.62
O3P SEP I 7 46.00 -4.49 5.34
N PRO I 8 42.55 -7.86 7.67
CA PRO I 8 41.97 -8.80 6.72
C PRO I 8 42.14 -8.29 5.29
N GLN I 9 43.07 -8.87 4.53
CA GLN I 9 43.39 -8.33 3.21
C GLN I 9 42.24 -8.50 2.24
N LEU I 10 41.36 -7.51 2.17
CA LEU I 10 40.18 -7.55 1.30
C LEU I 10 40.08 -6.30 0.42
#